data_5JIR
#
_entry.id   5JIR
#
_cell.length_a   63.020
_cell.length_b   103.500
_cell.length_c   140.680
_cell.angle_alpha   90.000
_cell.angle_beta   90.000
_cell.angle_gamma   90.000
#
_symmetry.space_group_name_H-M   'P 21 21 21'
#
loop_
_entity.id
_entity.type
_entity.pdbx_description
1 polymer 'OOP family OmpA-OmpF porin'
2 non-polymer GLYCEROL
3 non-polymer 'CHLORIDE ION'
4 water water
#
_entity_poly.entity_id   1
_entity_poly.type   'polypeptide(L)'
_entity_poly.pdbx_seq_one_letter_code
;GSMASTQDAVHTDAVQDWKNGTINAQLTLDLARARMRLPADRTAASQFLRYKAPAQLKDVYLSVLVDSQNRVGDCLAHEK
IRLADITALVDAGHHAVTTLSPSVRSLQLSHQTPLTALARLFVTHETAYVPAIPPTSAVSRPYTGILIDARGSLPVHGEY
VSEPLSACLFPKIWSTDMDLIYEKNMVHPDRAKAWGVVRYGSVWDEKMYRDRIGTTPLKIIARGVFGQQRTDPIIASKDA
AQILARPENLRLLAEGNVIILCDEAALRVHVPYPLVDEHFYFAYHDVKRFLTDERSPGVGVRSGINTLKITVYDVRFVAN
SPEILASEKDRVDVIATALKKMGPYTRFLIEGHTADLHRPQEEAALSVARAQRMAQELSRRGIEMTRITTAGHGATKPIA
PSDTHANKAKNRRVEITILRD
;
_entity_poly.pdbx_strand_id   B,A
#
# COMPACT_ATOMS: atom_id res chain seq x y z
N ASP A 8 -3.46 -15.69 22.25
CA ASP A 8 -4.01 -16.32 21.05
C ASP A 8 -5.50 -16.01 20.93
N ALA A 9 -6.17 -15.91 22.07
CA ALA A 9 -7.49 -15.30 22.10
C ALA A 9 -7.30 -13.77 22.05
N VAL A 10 -6.08 -13.32 22.27
CA VAL A 10 -5.77 -11.88 22.25
C VAL A 10 -4.95 -11.52 21.02
N HIS A 11 -5.47 -10.54 20.28
CA HIS A 11 -4.88 -10.05 19.05
C HIS A 11 -4.50 -8.58 19.25
N THR A 12 -3.33 -8.18 18.77
CA THR A 12 -2.91 -6.78 18.79
C THR A 12 -2.88 -6.20 17.37
N ASP A 13 -3.50 -5.04 17.22
CA ASP A 13 -3.35 -4.21 16.02
C ASP A 13 -2.61 -2.97 16.47
N ALA A 14 -1.59 -2.55 15.74
CA ALA A 14 -0.83 -1.39 16.15
C ALA A 14 -0.34 -0.63 14.95
N VAL A 15 -0.25 0.69 15.11
CA VAL A 15 0.27 1.55 14.05
C VAL A 15 1.25 2.54 14.66
N GLN A 16 2.39 2.66 14.00
CA GLN A 16 3.31 3.75 14.30
C GLN A 16 2.87 4.98 13.52
N ASP A 17 2.28 5.96 14.21
CA ASP A 17 1.78 7.18 13.58
C ASP A 17 2.84 8.26 13.68
N TRP A 18 3.76 8.24 12.71
CA TRP A 18 4.83 9.22 12.69
C TRP A 18 4.33 10.63 12.48
N LYS A 19 3.19 10.78 11.80
CA LYS A 19 2.69 12.12 11.54
C LYS A 19 2.27 12.80 12.84
N ASN A 20 1.63 12.04 13.71
CA ASN A 20 1.14 12.58 14.98
C ASN A 20 2.05 12.26 16.16
N GLY A 21 3.15 11.56 15.87
CA GLY A 21 4.15 11.27 16.87
C GLY A 21 3.72 10.34 17.98
N THR A 22 2.95 9.33 17.60
N THR A 22 2.92 9.33 17.62
CA THR A 22 2.40 8.38 18.58
CA THR A 22 2.44 8.38 18.60
C THR A 22 2.43 6.96 18.05
C THR A 22 2.44 6.96 18.06
N ILE A 23 2.55 6.01 18.97
CA ILE A 23 2.35 4.60 18.67
C ILE A 23 1.00 4.22 19.26
N ASN A 24 0.11 3.71 18.42
CA ASN A 24 -1.24 3.39 18.84
C ASN A 24 -1.47 1.90 18.75
N ALA A 25 -2.07 1.32 19.77
CA ALA A 25 -2.37 -0.10 19.75
C ALA A 25 -3.78 -0.35 20.20
N GLN A 26 -4.38 -1.38 19.62
CA GLN A 26 -5.66 -1.91 20.08
C GLN A 26 -5.51 -3.40 20.31
N LEU A 27 -5.78 -3.85 21.54
CA LEU A 27 -5.68 -5.25 21.88
C LEU A 27 -7.09 -5.78 22.03
N THR A 28 -7.42 -6.87 21.33
CA THR A 28 -8.76 -7.40 21.33
C THR A 28 -8.77 -8.80 21.88
N LEU A 29 -9.70 -9.05 22.79
CA LEU A 29 -9.94 -10.39 23.32
C LEU A 29 -11.21 -10.96 22.72
N ASP A 30 -11.06 -12.10 22.04
CA ASP A 30 -12.18 -12.84 21.45
C ASP A 30 -12.75 -13.75 22.53
N LEU A 31 -13.90 -13.36 23.07
CA LEU A 31 -14.46 -14.05 24.23
C LEU A 31 -14.91 -15.46 23.87
N ALA A 32 -15.42 -15.62 22.66
CA ALA A 32 -15.96 -16.89 22.19
C ALA A 32 -14.83 -17.90 22.18
N ARG A 33 -13.68 -17.45 21.66
CA ARG A 33 -12.49 -18.27 21.58
C ARG A 33 -11.96 -18.58 22.97
N ALA A 34 -12.07 -17.62 23.89
CA ALA A 34 -11.54 -17.76 25.24
C ALA A 34 -12.52 -18.45 26.19
N ARG A 35 -13.69 -18.86 25.67
CA ARG A 35 -14.71 -19.55 26.46
C ARG A 35 -15.25 -18.71 27.61
N MET A 36 -15.40 -17.41 27.34
CA MET A 36 -15.96 -16.50 28.31
C MET A 36 -17.22 -15.82 27.77
N ARG A 37 -18.07 -15.35 28.67
CA ARG A 37 -19.36 -14.78 28.29
C ARG A 37 -19.62 -13.52 29.09
N LEU A 38 -20.21 -12.52 28.43
CA LEU A 38 -20.65 -11.31 29.11
C LEU A 38 -22.12 -11.46 29.44
N PRO A 39 -22.55 -10.87 30.56
CA PRO A 39 -21.77 -10.05 31.49
C PRO A 39 -21.05 -10.82 32.60
N ALA A 40 -21.32 -12.12 32.74
CA ALA A 40 -20.80 -12.90 33.86
C ALA A 40 -19.27 -12.85 34.01
N ASP A 41 -18.55 -12.86 32.89
CA ASP A 41 -17.10 -12.96 32.92
C ASP A 41 -16.40 -11.62 32.62
N ARG A 42 -17.15 -10.51 32.66
CA ARG A 42 -16.60 -9.20 32.29
C ARG A 42 -15.31 -8.89 33.07
N THR A 43 -15.33 -9.08 34.37
CA THR A 43 -14.16 -8.75 35.17
C THR A 43 -12.99 -9.67 34.86
N ALA A 44 -13.23 -10.99 34.84
CA ALA A 44 -12.15 -11.93 34.61
C ALA A 44 -11.58 -11.73 33.22
N ALA A 45 -12.45 -11.45 32.26
CA ALA A 45 -12.01 -11.26 30.89
C ALA A 45 -11.19 -9.97 30.74
N SER A 46 -11.64 -8.92 31.39
CA SER A 46 -10.96 -7.64 31.34
C SER A 46 -9.59 -7.75 31.99
N GLN A 47 -9.53 -8.45 33.13
CA GLN A 47 -8.25 -8.61 33.82
C GLN A 47 -7.28 -9.44 32.97
N PHE A 48 -7.81 -10.43 32.25
CA PHE A 48 -6.98 -11.27 31.40
C PHE A 48 -6.41 -10.45 30.26
N LEU A 49 -7.21 -9.57 29.68
CA LEU A 49 -6.69 -8.71 28.64
C LEU A 49 -5.58 -7.79 29.20
N ARG A 50 -5.77 -7.29 30.42
CA ARG A 50 -4.74 -6.46 31.06
C ARG A 50 -3.47 -7.27 31.37
N TYR A 51 -3.64 -8.56 31.67
CA TYR A 51 -2.51 -9.47 31.88
C TYR A 51 -1.67 -9.68 30.62
N LYS A 52 -2.35 -9.79 29.49
CA LYS A 52 -1.72 -10.09 28.21
C LYS A 52 -1.09 -8.87 27.58
N ALA A 53 -1.63 -7.69 27.88
CA ALA A 53 -1.27 -6.49 27.15
C ALA A 53 0.21 -6.09 27.26
N PRO A 54 0.82 -6.17 28.46
CA PRO A 54 2.17 -5.63 28.59
C PRO A 54 3.20 -6.23 27.63
N ALA A 55 3.23 -7.55 27.50
CA ALA A 55 4.19 -8.18 26.61
C ALA A 55 3.91 -7.83 25.13
N GLN A 56 2.65 -7.73 24.74
CA GLN A 56 2.34 -7.45 23.34
C GLN A 56 2.71 -6.01 23.02
N LEU A 57 2.46 -5.10 23.97
CA LEU A 57 2.81 -3.70 23.79
C LEU A 57 4.32 -3.51 23.72
N LYS A 58 5.03 -4.25 24.58
CA LYS A 58 6.47 -4.24 24.58
C LYS A 58 6.98 -4.63 23.20
N ASP A 59 6.40 -5.68 22.60
CA ASP A 59 6.86 -6.12 21.29
C ASP A 59 6.61 -5.04 20.24
N VAL A 60 5.47 -4.38 20.31
CA VAL A 60 5.20 -3.26 19.40
C VAL A 60 6.29 -2.19 19.51
N TYR A 61 6.68 -1.83 20.73
CA TYR A 61 7.62 -0.76 20.91
C TYR A 61 9.01 -1.13 20.39
N LEU A 62 9.33 -2.42 20.41
CA LEU A 62 10.64 -2.85 19.89
C LEU A 62 10.75 -2.61 18.39
N SER A 63 9.60 -2.51 17.72
CA SER A 63 9.57 -2.42 16.27
C SER A 63 9.81 -1.01 15.73
N VAL A 64 9.93 -0.03 16.61
CA VAL A 64 10.12 1.36 16.20
C VAL A 64 11.53 1.62 15.70
N LEU A 65 11.64 2.17 14.50
CA LEU A 65 12.95 2.49 13.92
C LEU A 65 13.61 3.68 14.64
N VAL A 66 14.81 3.48 15.12
CA VAL A 66 15.53 4.50 15.83
C VAL A 66 16.39 5.38 14.95
N ASP A 67 17.03 4.75 14.00
CA ASP A 67 17.94 5.44 13.12
C ASP A 67 18.16 4.67 11.83
N SER A 68 19.16 5.08 11.08
CA SER A 68 19.42 4.48 9.79
C SER A 68 19.72 2.98 9.80
N GLN A 69 20.12 2.46 10.96
CA GLN A 69 20.40 1.04 11.04
C GLN A 69 19.53 0.20 11.96
N ASN A 70 19.18 0.77 13.11
CA ASN A 70 18.51 0.05 14.15
C ASN A 70 17.09 0.41 14.60
N ARG A 71 16.37 -0.63 15.01
CA ARG A 71 15.07 -0.52 15.62
C ARG A 71 15.32 -0.62 17.12
N VAL A 72 14.34 -0.25 17.91
CA VAL A 72 14.51 -0.24 19.36
C VAL A 72 14.97 -1.62 19.82
N GLY A 73 14.41 -2.67 19.25
CA GLY A 73 14.81 -4.02 19.59
C GLY A 73 16.28 -4.29 19.31
N ASP A 74 16.82 -3.70 18.25
CA ASP A 74 18.23 -3.88 17.95
C ASP A 74 19.08 -3.18 18.99
N CYS A 75 18.65 -1.99 19.39
CA CYS A 75 19.35 -1.22 20.42
C CYS A 75 19.35 -1.97 21.75
N LEU A 76 18.26 -2.68 22.04
CA LEU A 76 18.18 -3.54 23.20
C LEU A 76 19.22 -4.64 23.09
N ALA A 77 19.29 -5.27 21.92
CA ALA A 77 20.24 -6.37 21.71
C ALA A 77 21.68 -5.88 21.88
N HIS A 78 21.93 -4.62 21.52
CA HIS A 78 23.25 -3.99 21.63
C HIS A 78 23.51 -3.41 23.02
N GLU A 79 22.56 -3.61 23.94
CA GLU A 79 22.65 -3.10 25.31
C GLU A 79 22.77 -1.58 25.41
N LYS A 80 22.17 -0.87 24.46
CA LYS A 80 22.10 0.59 24.50
C LYS A 80 20.93 1.05 25.34
N ILE A 81 19.92 0.20 25.46
CA ILE A 81 18.83 0.46 26.38
C ILE A 81 18.50 -0.80 27.18
N ARG A 82 17.70 -0.63 28.22
CA ARG A 82 17.33 -1.73 29.10
C ARG A 82 15.88 -2.08 28.86
N LEU A 83 15.54 -3.36 28.95
CA LEU A 83 14.17 -3.78 28.74
C LEU A 83 13.21 -3.07 29.68
N ALA A 84 13.65 -2.84 30.92
CA ALA A 84 12.79 -2.18 31.90
C ALA A 84 12.39 -0.76 31.46
N ASP A 85 13.22 -0.10 30.67
CA ASP A 85 12.88 1.23 30.14
C ASP A 85 11.72 1.17 29.15
N ILE A 86 11.61 0.06 28.43
CA ILE A 86 10.53 -0.16 27.49
C ILE A 86 9.25 -0.59 28.23
N THR A 87 9.38 -1.55 29.15
CA THR A 87 8.18 -2.00 29.85
C THR A 87 7.59 -0.91 30.73
N ALA A 88 8.39 0.07 31.11
CA ALA A 88 7.88 1.21 31.87
C ALA A 88 6.79 1.94 31.09
N LEU A 89 6.77 1.75 29.77
CA LEU A 89 5.84 2.46 28.88
C LEU A 89 4.57 1.69 28.54
N VAL A 90 4.42 0.46 29.03
CA VAL A 90 3.31 -0.38 28.59
C VAL A 90 2.19 -0.49 29.62
N ASP A 91 2.17 0.41 30.61
CA ASP A 91 1.12 0.42 31.63
C ASP A 91 -0.13 1.06 31.03
N ALA A 92 -1.19 0.26 30.92
CA ALA A 92 -2.42 0.73 30.28
C ALA A 92 -3.55 0.91 31.30
N GLY A 93 -3.19 1.07 32.58
CA GLY A 93 -4.19 1.19 33.64
C GLY A 93 -5.06 2.44 33.53
N HIS A 94 -4.62 3.42 32.75
CA HIS A 94 -5.42 4.61 32.53
C HIS A 94 -6.43 4.44 31.41
N HIS A 95 -6.44 3.29 30.77
CA HIS A 95 -7.42 3.00 29.72
C HIS A 95 -8.40 1.93 30.17
N ALA A 96 -9.64 2.05 29.67
CA ALA A 96 -10.67 1.09 30.00
C ALA A 96 -10.67 -0.13 29.07
N VAL A 97 -11.19 -1.24 29.56
CA VAL A 97 -11.53 -2.37 28.71
C VAL A 97 -12.97 -2.21 28.28
N THR A 98 -13.20 -2.13 26.98
CA THR A 98 -14.49 -1.73 26.43
C THR A 98 -15.05 -2.77 25.47
N THR A 99 -16.29 -2.57 25.01
CA THR A 99 -16.88 -3.40 23.97
C THR A 99 -16.87 -2.66 22.62
N LEU A 100 -15.94 -1.72 22.46
CA LEU A 100 -15.89 -0.89 21.25
C LEU A 100 -15.21 -1.56 20.07
N SER A 101 -14.85 -2.83 20.23
CA SER A 101 -14.31 -3.62 19.15
C SER A 101 -15.31 -3.76 17.99
N PRO A 102 -14.82 -3.82 16.74
CA PRO A 102 -15.77 -4.02 15.62
C PRO A 102 -16.35 -5.43 15.57
N SER A 103 -15.83 -6.34 16.38
CA SER A 103 -16.31 -7.72 16.41
C SER A 103 -17.27 -7.99 17.55
N VAL A 104 -18.25 -8.84 17.31
CA VAL A 104 -19.11 -9.30 18.39
C VAL A 104 -18.31 -10.11 19.41
N ARG A 105 -18.86 -10.22 20.63
CA ARG A 105 -18.32 -11.06 21.69
C ARG A 105 -16.83 -10.83 21.87
N SER A 106 -16.47 -9.57 22.00
CA SER A 106 -15.07 -9.14 22.08
C SER A 106 -14.94 -8.02 23.09
N LEU A 107 -13.78 -7.93 23.72
CA LEU A 107 -13.41 -6.77 24.54
C LEU A 107 -12.15 -6.15 23.95
N GLN A 108 -11.99 -4.85 24.15
CA GLN A 108 -10.88 -4.12 23.56
C GLN A 108 -10.21 -3.26 24.59
N LEU A 109 -8.90 -3.17 24.47
CA LEU A 109 -8.06 -2.29 25.27
C LEU A 109 -7.14 -1.51 24.33
N SER A 110 -7.22 -0.19 24.36
CA SER A 110 -6.41 0.67 23.50
C SER A 110 -5.38 1.39 24.34
N HIS A 111 -4.21 1.60 23.77
CA HIS A 111 -3.12 2.25 24.51
C HIS A 111 -2.29 3.04 23.52
N GLN A 112 -1.92 4.26 23.92
CA GLN A 112 -1.11 5.14 23.08
C GLN A 112 0.10 5.60 23.85
N THR A 113 1.23 5.67 23.17
CA THR A 113 2.47 6.14 23.75
C THR A 113 3.10 7.13 22.79
N PRO A 114 3.51 8.31 23.28
CA PRO A 114 4.21 9.21 22.36
C PRO A 114 5.57 8.68 21.94
N LEU A 115 5.91 8.91 20.68
CA LEU A 115 7.20 8.44 20.18
C LEU A 115 8.36 9.12 20.91
N THR A 116 8.13 10.30 21.46
CA THR A 116 9.18 10.97 22.24
C THR A 116 9.51 10.24 23.54
N ALA A 117 8.58 9.43 24.03
CA ALA A 117 8.86 8.62 25.22
C ALA A 117 9.95 7.58 24.93
N LEU A 118 9.97 7.06 23.71
CA LEU A 118 11.03 6.17 23.31
C LEU A 118 12.28 6.95 22.97
N ALA A 119 12.10 8.07 22.27
CA ALA A 119 13.25 8.84 21.81
C ALA A 119 14.11 9.28 23.00
N ARG A 120 13.45 9.71 24.08
CA ARG A 120 14.20 10.31 25.20
C ARG A 120 15.15 9.31 25.87
N LEU A 121 14.94 8.01 25.67
CA LEU A 121 15.86 7.01 26.18
C LEU A 121 17.23 7.06 25.51
N PHE A 122 17.30 7.74 24.38
CA PHE A 122 18.54 7.79 23.61
C PHE A 122 19.23 9.14 23.69
N VAL A 123 18.62 10.10 24.37
CA VAL A 123 19.20 11.43 24.49
C VAL A 123 20.02 11.46 25.77
N THR A 124 21.34 11.42 25.61
CA THR A 124 22.24 11.28 26.74
C THR A 124 23.30 12.36 26.77
N HIS A 125 23.33 13.19 25.73
CA HIS A 125 24.33 14.25 25.64
C HIS A 125 23.94 15.42 26.52
N GLU A 126 24.96 16.25 26.79
CA GLU A 126 24.94 17.21 27.88
C GLU A 126 24.60 18.59 27.34
N THR A 127 25.26 18.95 26.25
CA THR A 127 25.05 20.22 25.57
C THR A 127 25.09 19.93 24.08
N ALA A 128 24.38 20.74 23.30
CA ALA A 128 24.42 20.61 21.85
C ALA A 128 25.82 20.93 21.32
N TYR A 129 26.25 20.28 20.23
CA TYR A 129 27.48 20.68 19.54
C TYR A 129 27.11 21.49 18.31
N VAL A 130 28.03 22.36 17.87
CA VAL A 130 27.78 23.26 16.74
C VAL A 130 28.92 23.16 15.72
N SER A 140 23.10 35.08 2.75
CA SER A 140 21.99 34.27 3.20
C SER A 140 20.88 35.09 3.85
N ARG A 141 19.76 34.43 4.12
CA ARG A 141 18.59 35.03 4.77
C ARG A 141 18.34 34.35 6.11
N PRO A 142 17.66 35.04 7.04
CA PRO A 142 17.28 34.40 8.30
C PRO A 142 15.97 33.64 8.15
N TYR A 143 15.93 32.40 8.63
CA TYR A 143 14.74 31.57 8.52
C TYR A 143 14.26 31.14 9.90
N THR A 144 12.97 30.82 10.00
CA THR A 144 12.36 30.41 11.28
C THR A 144 12.27 28.88 11.44
N GLY A 145 12.74 28.14 10.43
CA GLY A 145 12.63 26.70 10.47
C GLY A 145 13.08 26.08 9.16
N ILE A 146 13.11 24.75 9.12
CA ILE A 146 13.60 24.02 7.97
C ILE A 146 12.55 23.00 7.57
N LEU A 147 12.15 23.05 6.31
CA LEU A 147 11.17 22.13 5.74
C LEU A 147 11.83 21.31 4.62
N ILE A 148 11.98 20.02 4.86
CA ILE A 148 12.60 19.11 3.90
C ILE A 148 11.51 18.35 3.16
N ASP A 149 11.46 18.49 1.84
CA ASP A 149 10.48 17.73 1.08
C ASP A 149 11.11 16.42 0.63
N ALA A 150 10.85 15.36 1.39
CA ALA A 150 11.44 14.05 1.11
C ALA A 150 10.41 13.07 0.60
N ARG A 151 9.44 13.58 -0.14
CA ARG A 151 8.46 12.74 -0.80
C ARG A 151 9.02 12.00 -1.98
N GLY A 152 8.35 10.91 -2.33
CA GLY A 152 8.65 10.18 -3.52
C GLY A 152 9.81 9.22 -3.39
N SER A 153 10.23 8.70 -4.53
CA SER A 153 11.34 7.78 -4.58
C SER A 153 12.63 8.59 -4.64
N LEU A 154 13.58 8.27 -3.77
CA LEU A 154 14.82 9.04 -3.63
C LEU A 154 16.01 8.16 -3.96
N PRO A 155 16.96 8.69 -4.75
CA PRO A 155 18.16 7.89 -5.00
C PRO A 155 18.93 7.56 -3.71
N VAL A 156 19.23 6.29 -3.53
CA VAL A 156 19.89 5.82 -2.33
C VAL A 156 21.40 5.96 -2.46
N HIS A 157 21.99 6.73 -1.55
CA HIS A 157 23.42 6.95 -1.59
C HIS A 157 24.20 5.65 -1.49
N GLY A 158 25.17 5.50 -2.40
CA GLY A 158 26.01 4.32 -2.39
C GLY A 158 25.40 3.11 -3.06
N GLU A 159 24.22 3.29 -3.65
CA GLU A 159 23.48 2.20 -4.29
C GLU A 159 22.93 2.70 -5.62
N TYR A 160 22.33 1.80 -6.39
CA TYR A 160 21.76 2.15 -7.68
C TYR A 160 20.25 2.32 -7.62
N VAL A 161 19.64 1.85 -6.55
CA VAL A 161 18.20 1.88 -6.42
C VAL A 161 17.71 3.24 -5.91
N SER A 162 16.42 3.46 -6.08
CA SER A 162 15.73 4.61 -5.51
C SER A 162 14.60 4.08 -4.65
N GLU A 163 14.44 4.66 -3.47
CA GLU A 163 13.46 4.20 -2.49
C GLU A 163 12.89 5.38 -1.72
N PRO A 164 11.66 5.22 -1.20
CA PRO A 164 11.10 6.28 -0.35
C PRO A 164 11.82 6.32 1.00
N LEU A 165 11.71 7.46 1.65
CA LEU A 165 12.27 7.68 2.96
C LEU A 165 11.40 7.00 4.02
N SER A 166 12.06 6.39 4.99
CA SER A 166 11.42 5.86 6.20
C SER A 166 11.62 6.83 7.35
N ALA A 167 10.60 6.96 8.19
CA ALA A 167 10.65 7.78 9.38
C ALA A 167 11.39 7.06 10.48
N CYS A 168 12.02 7.81 11.36
CA CYS A 168 12.65 7.21 12.52
C CYS A 168 12.78 8.24 13.64
N LEU A 169 13.19 7.76 14.81
CA LEU A 169 13.35 8.67 15.94
C LEU A 169 14.45 9.71 15.70
N PHE A 170 15.55 9.29 15.10
CA PHE A 170 16.70 10.19 14.94
C PHE A 170 17.26 10.17 13.54
N PRO A 171 16.58 10.87 12.62
CA PRO A 171 17.15 11.00 11.29
C PRO A 171 18.36 11.95 11.32
N LYS A 172 19.21 11.84 10.32
CA LYS A 172 20.31 12.78 10.11
C LYS A 172 20.07 13.44 8.76
N ILE A 173 20.61 14.64 8.56
CA ILE A 173 20.58 15.27 7.25
C ILE A 173 22.01 15.42 6.74
N TRP A 174 22.23 14.96 5.52
CA TRP A 174 23.53 15.03 4.87
C TRP A 174 23.50 16.02 3.70
N SER A 175 24.66 16.56 3.34
CA SER A 175 24.80 17.27 2.07
C SER A 175 25.14 16.26 0.98
N THR A 176 25.08 16.69 -0.28
CA THR A 176 25.42 15.81 -1.38
C THR A 176 26.90 15.44 -1.35
N ASP A 177 27.71 16.25 -0.66
CA ASP A 177 29.12 15.91 -0.45
C ASP A 177 29.30 15.06 0.81
N MET A 178 28.17 14.66 1.40
CA MET A 178 28.12 13.82 2.59
C MET A 178 28.82 14.47 3.79
N ASP A 179 28.69 15.79 3.86
CA ASP A 179 28.93 16.52 5.09
C ASP A 179 27.71 16.27 5.97
N LEU A 180 27.93 16.10 7.27
CA LEU A 180 26.82 15.91 8.19
C LEU A 180 26.29 17.26 8.63
N ILE A 181 25.03 17.55 8.26
CA ILE A 181 24.41 18.83 8.53
C ILE A 181 23.58 18.83 9.80
N TYR A 182 22.93 17.71 10.11
CA TYR A 182 22.03 17.64 11.26
C TYR A 182 22.05 16.27 11.87
N GLU A 183 22.17 16.26 13.20
CA GLU A 183 22.31 15.04 13.97
C GLU A 183 21.80 15.33 15.37
N LYS A 184 21.35 14.28 16.06
CA LYS A 184 20.78 14.37 17.41
C LYS A 184 21.64 15.22 18.35
N ASN A 185 22.94 14.99 18.33
CA ASN A 185 23.83 15.67 19.27
C ASN A 185 23.89 17.20 19.05
N MET A 186 23.41 17.68 17.91
CA MET A 186 23.32 19.12 17.65
C MET A 186 22.11 19.78 18.30
N VAL A 187 21.19 18.96 18.80
CA VAL A 187 19.98 19.50 19.39
C VAL A 187 20.14 19.68 20.90
N HIS A 188 19.65 20.80 21.44
CA HIS A 188 19.61 20.97 22.89
C HIS A 188 18.89 19.77 23.50
N PRO A 189 19.53 19.09 24.47
CA PRO A 189 18.95 17.83 24.93
C PRO A 189 17.55 17.96 25.52
N ASP A 190 17.26 19.07 26.20
CA ASP A 190 15.93 19.27 26.75
C ASP A 190 14.89 19.36 25.65
N ARG A 191 15.28 19.92 24.51
CA ARG A 191 14.35 20.11 23.41
C ARG A 191 14.21 18.80 22.67
N ALA A 192 15.31 18.09 22.53
CA ALA A 192 15.27 16.78 21.90
C ALA A 192 14.30 15.90 22.66
N LYS A 193 14.35 15.94 23.99
CA LYS A 193 13.45 15.11 24.80
C LYS A 193 12.01 15.57 24.73
N ALA A 194 11.81 16.89 24.60
CA ALA A 194 10.47 17.45 24.68
C ALA A 194 9.69 17.20 23.39
N TRP A 195 10.31 17.46 22.24
CA TRP A 195 9.57 17.31 20.98
C TRP A 195 10.36 16.62 19.85
N GLY A 196 11.40 15.89 20.21
CA GLY A 196 12.15 15.12 19.24
C GLY A 196 13.04 15.99 18.38
N VAL A 197 13.77 15.38 17.46
CA VAL A 197 14.67 16.16 16.60
C VAL A 197 13.99 16.61 15.30
N VAL A 198 12.87 15.99 14.95
CA VAL A 198 12.06 16.46 13.83
C VAL A 198 10.59 16.14 14.13
N ARG A 199 9.71 16.72 13.34
CA ARG A 199 8.35 16.23 13.22
C ARG A 199 8.15 15.84 11.77
N TYR A 200 7.50 14.71 11.53
CA TYR A 200 7.17 14.29 10.16
C TYR A 200 5.82 14.86 9.75
N GLY A 201 5.69 15.27 8.50
CA GLY A 201 4.43 15.85 8.06
C GLY A 201 3.96 15.34 6.73
N SER A 202 2.72 15.71 6.43
CA SER A 202 2.07 15.40 5.18
C SER A 202 1.69 16.68 4.45
N VAL A 203 1.89 16.68 3.15
CA VAL A 203 1.52 17.83 2.34
C VAL A 203 0.00 18.01 2.37
N TRP A 204 -0.73 16.93 2.66
CA TRP A 204 -2.21 16.99 2.68
C TRP A 204 -2.75 17.66 3.93
N ASP A 205 -1.89 17.91 4.92
CA ASP A 205 -2.35 18.60 6.13
C ASP A 205 -2.60 20.09 5.86
N GLU A 206 -2.01 20.60 4.78
CA GLU A 206 -2.11 22.02 4.43
C GLU A 206 -1.89 22.90 5.66
N LYS A 207 -0.81 22.59 6.37
CA LYS A 207 -0.39 23.29 7.58
C LYS A 207 0.88 24.09 7.34
N MET A 208 1.05 25.17 8.10
CA MET A 208 2.30 25.91 8.12
C MET A 208 3.30 25.26 9.08
N TYR A 209 2.78 24.50 10.04
CA TYR A 209 3.58 23.97 11.14
C TYR A 209 4.30 25.13 11.79
N ARG A 210 3.58 26.22 11.97
CA ARG A 210 4.14 27.44 12.54
C ARG A 210 4.77 27.13 13.90
N ASP A 211 4.16 26.18 14.60
CA ASP A 211 4.67 25.76 15.91
C ASP A 211 6.11 25.26 15.78
N ARG A 212 6.40 24.58 14.69
CA ARG A 212 7.68 23.91 14.52
C ARG A 212 8.68 24.71 13.71
N ILE A 213 8.21 25.37 12.65
CA ILE A 213 9.11 26.00 11.70
C ILE A 213 8.73 27.44 11.34
N GLY A 214 7.72 27.98 12.01
CA GLY A 214 7.38 29.38 11.89
C GLY A 214 6.81 29.78 10.55
N THR A 215 6.77 31.09 10.31
CA THR A 215 6.13 31.64 9.11
C THR A 215 7.08 31.69 7.91
N THR A 216 8.37 31.75 8.18
CA THR A 216 9.38 31.91 7.12
C THR A 216 10.41 30.76 7.09
N PRO A 217 9.95 29.56 6.75
CA PRO A 217 10.88 28.42 6.74
C PRO A 217 11.73 28.37 5.48
N LEU A 218 12.90 27.75 5.61
CA LEU A 218 13.71 27.38 4.47
C LEU A 218 13.21 26.08 3.86
N LYS A 219 12.62 26.18 2.67
CA LYS A 219 12.09 25.02 1.97
C LYS A 219 13.15 24.38 1.08
N ILE A 220 13.40 23.11 1.33
CA ILE A 220 14.47 22.35 0.71
C ILE A 220 13.97 21.02 0.17
N ILE A 221 14.40 20.67 -1.03
CA ILE A 221 14.02 19.39 -1.61
C ILE A 221 15.10 18.35 -1.31
N ALA A 222 14.68 17.16 -0.89
CA ALA A 222 15.62 16.08 -0.69
C ALA A 222 16.11 15.60 -2.05
N ARG A 223 17.42 15.50 -2.20
CA ARG A 223 18.00 15.05 -3.46
C ARG A 223 18.30 13.57 -3.45
N GLY A 224 18.36 12.98 -2.26
CA GLY A 224 18.62 11.57 -2.15
C GLY A 224 18.31 11.12 -0.73
N VAL A 225 18.62 9.87 -0.44
CA VAL A 225 18.47 9.35 0.91
C VAL A 225 19.66 8.43 1.25
N PHE A 226 20.07 8.48 2.51
CA PHE A 226 21.15 7.64 3.02
C PHE A 226 20.62 6.67 4.09
N GLY A 227 21.16 5.47 4.10
CA GLY A 227 21.03 4.59 5.24
C GLY A 227 20.54 3.22 4.86
N GLN A 228 20.95 2.22 5.63
CA GLN A 228 20.43 0.86 5.46
C GLN A 228 18.90 0.84 5.49
N GLN A 229 18.32 1.67 6.36
CA GLN A 229 16.87 1.79 6.48
C GLN A 229 16.29 3.05 5.83
N ARG A 230 17.11 3.73 5.02
CA ARG A 230 16.67 4.86 4.20
C ARG A 230 15.97 5.98 4.99
N THR A 231 16.68 6.51 5.99
CA THR A 231 16.12 7.47 6.92
C THR A 231 16.66 8.89 6.78
N ASP A 232 17.84 9.03 6.18
CA ASP A 232 18.56 10.31 6.25
C ASP A 232 18.45 11.10 4.93
N PRO A 233 17.70 12.21 4.92
CA PRO A 233 17.67 13.02 3.69
C PRO A 233 19.04 13.56 3.31
N ILE A 234 19.27 13.64 2.02
CA ILE A 234 20.45 14.26 1.46
C ILE A 234 20.00 15.50 0.73
N ILE A 235 20.60 16.64 1.03
CA ILE A 235 20.16 17.91 0.46
C ILE A 235 21.33 18.54 -0.31
N ALA A 236 20.99 19.42 -1.24
CA ALA A 236 22.00 20.09 -2.07
C ALA A 236 22.97 20.88 -1.21
N SER A 237 24.24 20.92 -1.60
CA SER A 237 25.26 21.69 -0.84
C SER A 237 24.85 23.15 -0.65
N LYS A 238 24.21 23.69 -1.68
CA LYS A 238 23.82 25.11 -1.70
C LYS A 238 22.75 25.34 -0.65
N ASP A 239 21.91 24.34 -0.45
CA ASP A 239 20.86 24.38 0.55
C ASP A 239 21.43 24.16 1.97
N ALA A 240 22.36 23.23 2.08
CA ALA A 240 23.09 23.05 3.34
C ALA A 240 23.83 24.33 3.74
N ALA A 241 24.37 25.04 2.76
CA ALA A 241 25.14 26.25 3.03
C ALA A 241 24.27 27.32 3.67
N GLN A 242 23.02 27.42 3.24
CA GLN A 242 22.09 28.38 3.83
C GLN A 242 21.90 28.14 5.31
N ILE A 243 21.78 26.88 5.69
CA ILE A 243 21.59 26.52 7.09
C ILE A 243 22.80 26.93 7.92
N LEU A 244 23.98 26.65 7.39
CA LEU A 244 25.24 26.86 8.12
C LEU A 244 25.75 28.31 8.07
N ALA A 245 25.04 29.18 7.37
CA ALA A 245 25.56 30.52 7.06
C ALA A 245 25.37 31.54 8.19
N ARG A 246 24.33 31.38 9.00
CA ARG A 246 23.98 32.36 10.01
C ARG A 246 23.75 31.73 11.38
N PRO A 247 23.99 32.50 12.46
CA PRO A 247 23.63 32.03 13.80
C PRO A 247 22.15 31.76 13.93
N GLU A 248 21.34 32.60 13.29
CA GLU A 248 19.90 32.43 13.30
C GLU A 248 19.53 31.04 12.78
N ASN A 249 20.14 30.67 11.66
CA ASN A 249 19.80 29.43 10.99
C ASN A 249 20.39 28.23 11.70
N LEU A 250 21.57 28.38 12.28
CA LEU A 250 22.21 27.31 13.04
C LEU A 250 21.43 27.05 14.32
N ARG A 251 20.77 28.07 14.83
CA ARG A 251 19.93 27.94 16.02
C ARG A 251 18.71 27.06 15.72
N LEU A 252 18.34 26.97 14.45
CA LEU A 252 17.21 26.14 14.04
C LEU A 252 17.52 24.67 14.31
N LEU A 253 18.75 24.29 14.04
CA LEU A 253 19.21 22.94 14.33
C LEU A 253 19.22 22.68 15.83
N ALA A 254 19.73 23.63 16.60
CA ALA A 254 19.81 23.47 18.05
C ALA A 254 18.44 23.35 18.72
N GLU A 255 17.45 23.98 18.11
CA GLU A 255 16.09 23.97 18.67
C GLU A 255 15.22 22.86 18.06
N GLY A 256 15.73 22.17 17.05
CA GLY A 256 14.95 21.14 16.37
C GLY A 256 13.80 21.65 15.52
N ASN A 257 13.96 22.84 14.94
CA ASN A 257 12.92 23.42 14.09
C ASN A 257 13.01 22.83 12.68
N VAL A 258 12.71 21.54 12.60
CA VAL A 258 12.86 20.77 11.38
C VAL A 258 11.64 19.90 11.14
N ILE A 259 11.06 20.03 9.95
CA ILE A 259 9.98 19.17 9.49
C ILE A 259 10.46 18.37 8.28
N ILE A 260 10.18 17.07 8.27
CA ILE A 260 10.45 16.26 7.10
C ILE A 260 9.10 15.81 6.55
N LEU A 261 8.84 16.18 5.30
CA LEU A 261 7.65 15.70 4.60
C LEU A 261 7.98 14.39 3.93
N CYS A 262 7.12 13.39 4.11
CA CYS A 262 7.34 12.13 3.41
C CYS A 262 6.00 11.56 2.98
N ASP A 263 6.04 10.37 2.39
CA ASP A 263 4.85 9.76 1.80
C ASP A 263 3.99 9.13 2.90
N GLU A 264 2.72 8.88 2.59
CA GLU A 264 1.79 8.35 3.59
C GLU A 264 2.13 6.97 4.07
N ALA A 265 2.74 6.15 3.23
CA ALA A 265 3.12 4.83 3.67
C ALA A 265 4.13 4.91 4.81
N ALA A 266 4.95 5.95 4.79
CA ALA A 266 5.99 6.10 5.79
C ALA A 266 5.42 6.75 7.05
N LEU A 267 4.35 7.52 6.88
CA LEU A 267 3.80 8.25 8.00
C LEU A 267 2.98 7.37 8.94
N ARG A 268 2.45 6.27 8.44
CA ARG A 268 1.69 5.32 9.23
C ARG A 268 2.21 3.92 8.93
N VAL A 269 3.05 3.42 9.84
CA VAL A 269 3.65 2.11 9.69
C VAL A 269 2.83 1.10 10.47
N HIS A 270 2.15 0.20 9.75
CA HIS A 270 1.33 -0.80 10.45
C HIS A 270 2.23 -1.94 10.90
N VAL A 271 2.07 -2.33 12.15
CA VAL A 271 2.91 -3.36 12.71
C VAL A 271 2.32 -4.71 12.33
N PRO A 272 3.09 -5.48 11.57
CA PRO A 272 2.66 -6.74 11.00
C PRO A 272 2.56 -7.86 11.95
N TYR A 273 1.86 -8.88 11.48
CA TYR A 273 1.62 -10.07 12.25
C TYR A 273 2.51 -11.21 11.71
N PRO A 274 3.08 -12.00 12.60
CA PRO A 274 2.94 -11.84 14.05
C PRO A 274 4.01 -10.95 14.65
N LEU A 275 3.81 -10.51 15.87
CA LEU A 275 4.78 -9.67 16.53
C LEU A 275 6.01 -10.52 16.90
N VAL A 276 7.20 -9.92 16.84
CA VAL A 276 8.42 -10.62 17.21
C VAL A 276 8.88 -10.01 18.51
N ASP A 277 9.48 -10.80 19.39
CA ASP A 277 9.90 -10.32 20.70
C ASP A 277 11.39 -10.09 20.72
N GLU A 278 11.94 -9.85 21.91
CA GLU A 278 13.31 -9.44 22.05
C GLU A 278 14.23 -10.54 21.54
N HIS A 279 13.76 -11.78 21.56
CA HIS A 279 14.62 -12.90 21.18
C HIS A 279 14.90 -12.93 19.68
N PHE A 280 13.96 -12.42 18.87
CA PHE A 280 14.23 -12.21 17.46
C PHE A 280 15.41 -11.27 17.27
N TYR A 281 15.44 -10.18 18.04
CA TYR A 281 16.50 -9.20 17.88
C TYR A 281 17.81 -9.74 18.40
N PHE A 282 17.77 -10.53 19.47
CA PHE A 282 19.00 -11.15 20.00
C PHE A 282 19.59 -12.11 18.97
N ALA A 283 18.72 -12.91 18.36
CA ALA A 283 19.11 -13.88 17.36
C ALA A 283 19.67 -13.21 16.11
N TYR A 284 19.06 -12.11 15.68
CA TYR A 284 19.59 -11.33 14.56
C TYR A 284 20.99 -10.78 14.88
N HIS A 285 21.17 -10.31 16.12
CA HIS A 285 22.47 -9.79 16.55
C HIS A 285 23.52 -10.90 16.44
N ASP A 286 23.12 -12.13 16.79
CA ASP A 286 24.03 -13.27 16.71
C ASP A 286 24.36 -13.58 15.26
N VAL A 287 23.32 -13.57 14.42
CA VAL A 287 23.49 -13.80 12.99
C VAL A 287 24.45 -12.79 12.37
N LYS A 288 24.32 -11.53 12.78
CA LYS A 288 25.15 -10.48 12.22
C LYS A 288 26.61 -10.67 12.67
N ARG A 289 26.80 -10.99 13.95
CA ARG A 289 28.16 -11.23 14.47
C ARG A 289 28.77 -12.44 13.81
N PHE A 290 27.94 -13.47 13.61
CA PHE A 290 28.36 -14.70 12.95
C PHE A 290 28.85 -14.42 11.52
N LEU A 291 28.03 -13.76 10.71
CA LEU A 291 28.43 -13.42 9.35
C LEU A 291 29.67 -12.51 9.34
N THR A 292 29.73 -11.55 10.27
CA THR A 292 30.87 -10.64 10.34
C THR A 292 32.17 -11.43 10.58
N ASP A 293 32.11 -12.39 11.50
CA ASP A 293 33.27 -13.23 11.84
C ASP A 293 33.64 -14.21 10.72
N GLU A 294 32.63 -14.81 10.08
CA GLU A 294 32.89 -15.80 9.03
C GLU A 294 33.42 -15.15 7.77
N ARG A 295 33.14 -13.85 7.62
CA ARG A 295 33.56 -13.08 6.46
C ARG A 295 33.27 -13.82 5.15
N SER A 296 32.10 -14.45 5.08
CA SER A 296 31.69 -15.13 3.86
C SER A 296 31.45 -14.08 2.78
N PRO A 297 32.20 -14.17 1.67
CA PRO A 297 32.09 -13.11 0.67
C PRO A 297 30.70 -13.08 0.08
N GLY A 298 30.20 -11.87 -0.16
CA GLY A 298 28.98 -11.69 -0.90
C GLY A 298 27.75 -12.24 -0.18
N VAL A 299 27.75 -12.14 1.15
CA VAL A 299 26.56 -12.48 1.92
C VAL A 299 26.20 -11.29 2.78
N GLY A 300 24.98 -10.76 2.64
CA GLY A 300 24.53 -9.63 3.42
C GLY A 300 23.23 -9.97 4.13
N VAL A 301 22.92 -9.22 5.18
CA VAL A 301 21.70 -9.46 5.92
C VAL A 301 21.08 -8.12 6.27
N ARG A 302 19.76 -8.06 6.20
CA ARG A 302 18.99 -6.87 6.58
C ARG A 302 17.67 -7.33 7.17
N SER A 303 17.13 -6.55 8.10
CA SER A 303 15.83 -6.90 8.67
C SER A 303 14.73 -5.95 8.26
N GLY A 304 13.53 -6.51 8.24
CA GLY A 304 12.31 -5.75 8.18
C GLY A 304 11.74 -5.74 9.57
N ILE A 305 10.50 -5.27 9.66
CA ILE A 305 9.86 -5.11 10.95
C ILE A 305 9.56 -6.46 11.64
N ASN A 306 9.40 -7.57 10.90
CA ASN A 306 9.36 -8.90 11.54
C ASN A 306 9.89 -10.01 10.61
N THR A 307 10.78 -9.63 9.71
CA THR A 307 11.48 -10.57 8.85
C THR A 307 12.96 -10.27 8.80
N LEU A 308 13.73 -11.28 8.43
CA LEU A 308 15.14 -11.11 8.13
C LEU A 308 15.35 -11.53 6.68
N LYS A 309 16.23 -10.82 5.98
CA LYS A 309 16.57 -11.25 4.62
C LYS A 309 18.07 -11.38 4.50
N ILE A 310 18.50 -12.58 4.10
CA ILE A 310 19.88 -12.83 3.76
C ILE A 310 19.98 -12.84 2.24
N THR A 311 20.91 -12.04 1.73
CA THR A 311 21.13 -11.94 0.29
C THR A 311 22.49 -12.50 -0.02
N VAL A 312 22.49 -13.45 -0.96
CA VAL A 312 23.70 -14.14 -1.39
C VAL A 312 24.02 -13.66 -2.81
N TYR A 313 25.13 -12.93 -2.96
CA TYR A 313 25.50 -12.32 -4.23
C TYR A 313 26.39 -13.26 -5.02
N ASP A 314 26.37 -13.07 -6.34
CA ASP A 314 27.16 -13.86 -7.28
C ASP A 314 26.94 -15.35 -7.08
N VAL A 315 25.67 -15.74 -7.12
CA VAL A 315 25.30 -17.13 -7.13
C VAL A 315 25.21 -17.57 -8.58
N ARG A 316 26.03 -18.55 -8.95
CA ARG A 316 26.13 -19.00 -10.33
C ARG A 316 25.55 -20.39 -10.53
N PHE A 317 25.45 -21.19 -9.47
CA PHE A 317 24.98 -22.55 -9.64
C PHE A 317 23.49 -22.58 -10.01
N VAL A 318 23.04 -23.70 -10.57
CA VAL A 318 21.62 -23.91 -10.89
C VAL A 318 21.25 -25.36 -10.63
N ALA A 319 19.99 -25.72 -10.89
CA ALA A 319 19.49 -27.05 -10.56
C ALA A 319 20.22 -28.16 -11.31
N ASN A 320 20.66 -27.89 -12.54
CA ASN A 320 21.35 -28.90 -13.34
C ASN A 320 22.87 -28.72 -13.37
N SER A 321 23.39 -27.86 -12.50
CA SER A 321 24.83 -27.69 -12.35
C SER A 321 25.46 -28.95 -11.78
N PRO A 322 26.78 -29.11 -11.95
CA PRO A 322 27.45 -30.23 -11.25
C PRO A 322 27.44 -29.97 -9.74
N GLU A 323 27.90 -30.94 -8.94
CA GLU A 323 28.04 -30.72 -7.51
C GLU A 323 28.80 -29.42 -7.33
N ILE A 324 28.26 -28.55 -6.49
CA ILE A 324 28.77 -27.19 -6.39
C ILE A 324 30.23 -27.16 -5.94
N LEU A 325 30.91 -26.09 -6.32
CA LEU A 325 32.30 -25.87 -5.95
C LEU A 325 32.50 -25.97 -4.44
N ALA A 326 33.72 -26.26 -4.04
CA ALA A 326 34.07 -26.32 -2.63
C ALA A 326 33.82 -24.98 -1.95
N SER A 327 34.14 -23.89 -2.64
CA SER A 327 34.03 -22.56 -2.04
C SER A 327 32.56 -22.21 -1.81
N GLU A 328 31.69 -22.72 -2.68
CA GLU A 328 30.27 -22.48 -2.57
C GLU A 328 29.69 -23.39 -1.49
N LYS A 329 30.24 -24.60 -1.38
CA LYS A 329 29.83 -25.52 -0.31
C LYS A 329 30.02 -24.85 1.05
N ASP A 330 31.14 -24.15 1.18
CA ASP A 330 31.49 -23.47 2.42
C ASP A 330 30.54 -22.32 2.68
N ARG A 331 30.16 -21.61 1.62
CA ARG A 331 29.29 -20.46 1.79
C ARG A 331 27.87 -20.89 2.16
N VAL A 332 27.36 -21.93 1.51
CA VAL A 332 26.03 -22.41 1.81
C VAL A 332 26.02 -23.01 3.23
N ASP A 333 27.16 -23.57 3.66
CA ASP A 333 27.29 -24.02 5.05
C ASP A 333 27.07 -22.84 5.99
N VAL A 334 27.75 -21.72 5.71
CA VAL A 334 27.62 -20.52 6.54
C VAL A 334 26.18 -20.04 6.54
N ILE A 335 25.54 -20.02 5.36
CA ILE A 335 24.16 -19.57 5.25
C ILE A 335 23.24 -20.45 6.06
N ALA A 336 23.40 -21.76 5.92
CA ALA A 336 22.56 -22.73 6.60
C ALA A 336 22.65 -22.55 8.11
N THR A 337 23.86 -22.35 8.62
CA THR A 337 24.07 -22.11 10.05
C THR A 337 23.38 -20.82 10.50
N ALA A 338 23.57 -19.76 9.72
CA ALA A 338 22.92 -18.48 9.99
C ALA A 338 21.41 -18.63 10.04
N LEU A 339 20.84 -19.32 9.06
CA LEU A 339 19.39 -19.52 9.05
C LEU A 339 18.90 -20.23 10.30
N LYS A 340 19.66 -21.22 10.75
CA LYS A 340 19.23 -22.04 11.88
C LYS A 340 19.27 -21.26 13.18
N LYS A 341 20.10 -20.23 13.23
CA LYS A 341 20.20 -19.40 14.44
C LYS A 341 18.90 -18.64 14.75
N MET A 342 18.00 -18.55 13.78
CA MET A 342 16.72 -17.87 13.99
C MET A 342 15.67 -18.85 14.49
N GLY A 343 16.07 -20.09 14.75
CA GLY A 343 15.21 -21.03 15.42
C GLY A 343 14.37 -21.90 14.53
N PRO A 344 13.64 -22.83 15.14
CA PRO A 344 12.87 -23.85 14.43
C PRO A 344 11.51 -23.39 13.93
N TYR A 345 11.00 -22.26 14.40
CA TYR A 345 9.61 -21.87 14.10
C TYR A 345 9.52 -20.83 13.00
N THR A 346 10.28 -21.07 11.94
CA THR A 346 10.36 -20.17 10.80
C THR A 346 10.16 -20.92 9.51
N ARG A 347 9.84 -20.17 8.45
CA ARG A 347 9.89 -20.71 7.10
C ARG A 347 10.67 -19.73 6.23
N PHE A 348 10.97 -20.18 5.04
CA PHE A 348 11.89 -19.47 4.16
C PHE A 348 11.32 -19.25 2.80
N LEU A 349 11.48 -18.02 2.31
CA LEU A 349 11.16 -17.70 0.93
C LEU A 349 12.47 -17.45 0.21
N ILE A 350 12.77 -18.27 -0.80
CA ILE A 350 14.04 -18.18 -1.50
C ILE A 350 13.78 -17.69 -2.92
N GLU A 351 14.29 -16.51 -3.23
CA GLU A 351 14.00 -15.87 -4.51
C GLU A 351 15.29 -15.68 -5.33
N GLY A 352 15.25 -16.19 -6.57
CA GLY A 352 16.40 -16.11 -7.45
C GLY A 352 16.31 -14.94 -8.41
N HIS A 353 17.47 -14.41 -8.78
CA HIS A 353 17.55 -13.31 -9.74
C HIS A 353 18.68 -13.57 -10.70
N THR A 354 18.60 -12.93 -11.86
CA THR A 354 19.70 -12.95 -12.83
C THR A 354 20.09 -11.53 -13.21
N ALA A 355 21.27 -11.43 -13.82
CA ALA A 355 21.65 -10.20 -14.49
C ALA A 355 20.84 -10.10 -15.78
N ASP A 356 20.85 -8.93 -16.40
CA ASP A 356 20.13 -8.72 -17.65
C ASP A 356 21.00 -9.32 -18.76
N LEU A 357 20.57 -10.45 -19.29
CA LEU A 357 21.30 -11.16 -20.35
C LEU A 357 20.73 -10.82 -21.73
N HIS A 358 19.74 -9.92 -21.75
CA HIS A 358 18.92 -9.67 -22.94
C HIS A 358 18.24 -10.94 -23.44
N ARG A 359 17.99 -11.87 -22.53
CA ARG A 359 17.36 -13.15 -22.83
C ARG A 359 16.25 -13.50 -21.82
N PRO A 360 15.13 -12.76 -21.84
CA PRO A 360 14.06 -12.90 -20.84
C PRO A 360 13.56 -14.33 -20.57
N GLN A 361 13.43 -15.16 -21.59
CA GLN A 361 12.98 -16.52 -21.37
C GLN A 361 13.99 -17.28 -20.51
N GLU A 362 15.24 -17.20 -20.91
CA GLU A 362 16.31 -17.86 -20.18
C GLU A 362 16.45 -17.29 -18.76
N GLU A 363 16.39 -15.98 -18.64
CA GLU A 363 16.47 -15.31 -17.33
C GLU A 363 15.39 -15.85 -16.39
N ALA A 364 14.17 -15.96 -16.90
CA ALA A 364 13.05 -16.50 -16.14
C ALA A 364 13.35 -17.88 -15.57
N ALA A 365 13.71 -18.82 -16.44
CA ALA A 365 13.98 -20.19 -16.01
C ALA A 365 15.22 -20.30 -15.12
N LEU A 366 16.26 -19.54 -15.45
CA LEU A 366 17.51 -19.57 -14.71
C LEU A 366 17.31 -19.07 -13.28
N SER A 367 16.53 -18.00 -13.13
CA SER A 367 16.28 -17.45 -11.79
C SER A 367 15.54 -18.49 -10.92
N VAL A 368 14.62 -19.25 -11.51
CA VAL A 368 13.92 -20.31 -10.77
C VAL A 368 14.87 -21.43 -10.42
N ALA A 369 15.71 -21.79 -11.37
CA ALA A 369 16.66 -22.87 -11.17
C ALA A 369 17.64 -22.54 -10.05
N ARG A 370 18.05 -21.28 -9.97
CA ARG A 370 18.99 -20.84 -8.96
C ARG A 370 18.39 -20.98 -7.56
N ALA A 371 17.14 -20.54 -7.42
CA ALA A 371 16.44 -20.64 -6.14
C ALA A 371 16.21 -22.11 -5.76
N GLN A 372 15.81 -22.92 -6.73
CA GLN A 372 15.63 -24.35 -6.50
C GLN A 372 16.91 -25.01 -6.00
N ARG A 373 18.05 -24.67 -6.61
CA ARG A 373 19.31 -25.30 -6.21
C ARG A 373 19.67 -24.87 -4.80
N MET A 374 19.47 -23.59 -4.50
CA MET A 374 19.73 -23.10 -3.15
C MET A 374 18.87 -23.87 -2.14
N ALA A 375 17.60 -24.06 -2.46
CA ALA A 375 16.69 -24.78 -1.56
C ALA A 375 17.17 -26.21 -1.35
N GLN A 376 17.57 -26.89 -2.42
CA GLN A 376 18.07 -28.25 -2.31
C GLN A 376 19.35 -28.31 -1.50
N GLU A 377 20.22 -27.32 -1.67
CA GLU A 377 21.48 -27.32 -0.94
C GLU A 377 21.21 -27.11 0.54
N LEU A 378 20.23 -26.26 0.88
CA LEU A 378 19.92 -26.01 2.28
C LEU A 378 19.24 -27.21 2.92
N SER A 379 18.44 -27.93 2.15
CA SER A 379 17.73 -29.08 2.69
C SER A 379 18.64 -30.28 2.92
N ARG A 380 19.81 -30.27 2.30
CA ARG A 380 20.82 -31.27 2.64
C ARG A 380 21.64 -30.83 3.85
N ARG A 381 21.32 -29.66 4.39
CA ARG A 381 22.01 -29.13 5.58
C ARG A 381 21.02 -28.93 6.74
N GLY A 382 19.92 -29.68 6.72
CA GLY A 382 19.04 -29.75 7.87
C GLY A 382 17.82 -28.85 7.86
N ILE A 383 17.59 -28.14 6.77
CA ILE A 383 16.40 -27.31 6.65
C ILE A 383 15.38 -28.05 5.80
N GLU A 384 14.34 -28.54 6.45
CA GLU A 384 13.35 -29.35 5.77
C GLU A 384 12.70 -28.58 4.61
N MET A 385 12.50 -29.28 3.50
CA MET A 385 11.99 -28.66 2.28
C MET A 385 10.58 -28.09 2.44
N THR A 386 9.78 -28.65 3.35
CA THR A 386 8.44 -28.16 3.58
C THR A 386 8.45 -26.73 4.13
N ARG A 387 9.58 -26.31 4.69
CA ARG A 387 9.72 -24.95 5.24
C ARG A 387 10.12 -23.94 4.18
N ILE A 388 10.30 -24.39 2.95
CA ILE A 388 10.89 -23.56 1.91
C ILE A 388 9.93 -23.36 0.74
N THR A 389 9.78 -22.10 0.34
CA THR A 389 9.08 -21.73 -0.88
C THR A 389 10.09 -21.06 -1.82
N THR A 390 10.00 -21.35 -3.11
CA THR A 390 10.94 -20.78 -4.09
C THR A 390 10.23 -19.98 -5.18
N ALA A 391 10.96 -19.04 -5.75
CA ALA A 391 10.44 -18.16 -6.77
C ALA A 391 11.60 -17.58 -7.56
N GLY A 392 11.35 -17.16 -8.79
CA GLY A 392 12.35 -16.50 -9.61
C GLY A 392 11.80 -15.29 -10.32
N HIS A 393 12.59 -14.22 -10.38
CA HIS A 393 12.18 -12.95 -10.93
C HIS A 393 12.98 -12.52 -12.17
N GLY A 394 13.69 -13.48 -12.76
CA GLY A 394 14.54 -13.16 -13.90
C GLY A 394 15.42 -11.96 -13.62
N ALA A 395 15.50 -11.05 -14.60
CA ALA A 395 16.26 -9.81 -14.45
C ALA A 395 15.34 -8.64 -14.15
N THR A 396 14.12 -8.92 -13.72
CA THR A 396 13.09 -7.88 -13.58
C THR A 396 13.20 -7.02 -12.33
N LYS A 397 14.04 -7.42 -11.37
CA LYS A 397 14.24 -6.65 -10.16
C LYS A 397 15.71 -6.33 -9.96
N PRO A 398 16.28 -5.54 -10.89
CA PRO A 398 17.71 -5.24 -10.78
C PRO A 398 18.07 -4.36 -9.58
N ILE A 399 19.25 -4.58 -8.99
CA ILE A 399 19.79 -3.66 -7.99
C ILE A 399 21.03 -2.95 -8.53
N ALA A 400 21.36 -3.23 -9.79
CA ALA A 400 22.45 -2.56 -10.46
C ALA A 400 22.26 -2.65 -11.97
N PRO A 401 22.89 -1.73 -12.73
CA PRO A 401 22.97 -1.97 -14.17
C PRO A 401 23.71 -3.26 -14.45
N SER A 402 23.50 -3.88 -15.60
CA SER A 402 24.25 -5.09 -15.92
C SER A 402 25.34 -4.74 -16.93
N ASP A 403 26.21 -3.82 -16.52
CA ASP A 403 27.26 -3.33 -17.42
C ASP A 403 28.63 -3.95 -17.09
N THR A 404 29.09 -3.81 -15.86
CA THR A 404 30.36 -4.42 -15.46
C THR A 404 30.18 -5.81 -14.85
N HIS A 405 31.28 -6.55 -14.77
CA HIS A 405 31.25 -7.85 -14.11
C HIS A 405 30.74 -7.70 -12.67
N ALA A 406 31.24 -6.69 -11.98
CA ALA A 406 30.89 -6.48 -10.57
C ALA A 406 29.39 -6.23 -10.41
N ASN A 407 28.83 -5.40 -11.29
CA ASN A 407 27.42 -5.11 -11.19
C ASN A 407 26.54 -6.28 -11.62
N LYS A 408 26.96 -7.02 -12.64
CA LYS A 408 26.22 -8.22 -13.00
C LYS A 408 26.25 -9.23 -11.86
N ALA A 409 27.38 -9.29 -11.17
CA ALA A 409 27.54 -10.25 -10.07
C ALA A 409 26.60 -9.91 -8.93
N LYS A 410 26.36 -8.60 -8.74
CA LYS A 410 25.43 -8.13 -7.72
C LYS A 410 24.01 -8.56 -8.06
N ASN A 411 23.63 -8.46 -9.33
CA ASN A 411 22.28 -8.83 -9.76
C ASN A 411 22.02 -10.32 -9.69
N ARG A 412 23.07 -11.08 -9.97
CA ARG A 412 23.02 -12.51 -9.96
C ARG A 412 23.05 -13.02 -8.51
N ARG A 413 21.87 -13.23 -7.91
CA ARG A 413 21.77 -13.36 -6.47
C ARG A 413 20.58 -14.20 -6.07
N VAL A 414 20.60 -14.65 -4.82
CA VAL A 414 19.48 -15.34 -4.22
C VAL A 414 19.16 -14.61 -2.92
N GLU A 415 17.90 -14.24 -2.75
CA GLU A 415 17.45 -13.59 -1.52
C GLU A 415 16.66 -14.63 -0.69
N ILE A 416 17.04 -14.79 0.57
CA ILE A 416 16.36 -15.71 1.47
C ILE A 416 15.68 -14.90 2.56
N THR A 417 14.35 -14.90 2.56
CA THR A 417 13.58 -14.20 3.57
C THR A 417 13.17 -15.20 4.63
N ILE A 418 13.43 -14.86 5.89
CA ILE A 418 13.06 -15.71 7.01
C ILE A 418 11.75 -15.17 7.58
N LEU A 419 10.73 -16.00 7.64
CA LEU A 419 9.39 -15.57 8.06
C LEU A 419 8.93 -16.39 9.26
N ARG A 420 8.11 -15.80 10.11
CA ARG A 420 7.51 -16.55 11.21
C ARG A 420 6.56 -17.60 10.63
N ASP A 421 6.63 -18.82 11.17
CA ASP A 421 5.68 -19.87 10.79
C ASP A 421 5.07 -20.53 12.03
N ALA B 9 3.91 23.74 -16.29
CA ALA B 9 4.39 24.38 -15.06
C ALA B 9 3.44 24.13 -13.88
N VAL B 10 2.34 23.42 -14.15
CA VAL B 10 1.37 23.12 -13.12
C VAL B 10 1.43 21.63 -12.78
N HIS B 11 1.60 21.32 -11.49
CA HIS B 11 1.57 19.94 -10.99
C HIS B 11 0.27 19.67 -10.23
N THR B 12 -0.37 18.53 -10.50
CA THR B 12 -1.63 18.19 -9.85
C THR B 12 -1.49 16.90 -9.05
N ASP B 13 -1.96 16.94 -7.80
CA ASP B 13 -2.05 15.77 -6.92
C ASP B 13 -3.52 15.69 -6.49
N ALA B 14 -4.05 14.49 -6.37
CA ALA B 14 -5.41 14.33 -5.86
C ALA B 14 -5.58 13.02 -5.10
N VAL B 15 -6.46 13.05 -4.12
CA VAL B 15 -6.77 11.86 -3.33
C VAL B 15 -8.27 11.76 -3.10
N GLN B 16 -8.80 10.55 -3.27
CA GLN B 16 -10.18 10.26 -2.89
C GLN B 16 -10.15 9.81 -1.44
N ASP B 17 -10.65 10.65 -0.55
CA ASP B 17 -10.61 10.37 0.88
C ASP B 17 -11.94 9.79 1.33
N TRP B 18 -12.07 8.47 1.20
CA TRP B 18 -13.31 7.80 1.54
C TRP B 18 -13.61 7.84 3.03
N LYS B 19 -12.58 7.92 3.85
CA LYS B 19 -12.81 7.98 5.30
C LYS B 19 -13.50 9.27 5.70
N ASN B 20 -13.02 10.38 5.15
CA ASN B 20 -13.59 11.68 5.48
C ASN B 20 -14.70 12.12 4.55
N GLY B 21 -14.96 11.34 3.51
CA GLY B 21 -16.01 11.63 2.55
C GLY B 21 -15.72 12.79 1.61
N THR B 22 -14.47 12.95 1.20
CA THR B 22 -14.08 14.11 0.39
C THR B 22 -13.12 13.75 -0.71
N ILE B 23 -13.11 14.58 -1.74
CA ILE B 23 -12.09 14.54 -2.78
C ILE B 23 -11.23 15.77 -2.55
N ASN B 24 -9.90 15.57 -2.47
CA ASN B 24 -8.96 16.64 -2.23
C ASN B 24 -7.97 16.76 -3.37
N ALA B 25 -7.75 17.97 -3.87
CA ALA B 25 -6.80 18.19 -4.94
C ALA B 25 -5.91 19.38 -4.61
N GLN B 26 -4.64 19.27 -5.00
CA GLN B 26 -3.70 20.39 -4.93
C GLN B 26 -3.07 20.63 -6.30
N LEU B 27 -3.23 21.84 -6.82
CA LEU B 27 -2.52 22.24 -8.03
C LEU B 27 -1.43 23.18 -7.60
N THR B 28 -0.22 22.92 -8.08
CA THR B 28 0.94 23.74 -7.75
C THR B 28 1.56 24.29 -8.99
N LEU B 29 1.69 25.60 -9.02
CA LEU B 29 2.34 26.30 -10.10
C LEU B 29 3.81 26.55 -9.79
N ASP B 30 4.68 26.05 -10.66
CA ASP B 30 6.12 26.28 -10.57
C ASP B 30 6.37 27.66 -11.17
N LEU B 31 6.58 28.67 -10.32
CA LEU B 31 6.66 30.05 -10.81
C LEU B 31 7.89 30.27 -11.70
N ALA B 32 8.97 29.55 -11.41
CA ALA B 32 10.20 29.68 -12.18
C ALA B 32 9.96 29.25 -13.63
N ARG B 33 9.30 28.11 -13.76
CA ARG B 33 8.95 27.54 -15.04
C ARG B 33 7.96 28.44 -15.79
N ALA B 34 7.08 29.09 -15.04
CA ALA B 34 6.04 29.93 -15.65
C ALA B 34 6.55 31.34 -15.93
N ARG B 35 7.82 31.57 -15.59
CA ARG B 35 8.45 32.89 -15.74
C ARG B 35 7.68 33.95 -14.97
N MET B 36 7.41 33.65 -13.70
CA MET B 36 6.72 34.55 -12.82
C MET B 36 7.49 34.72 -11.52
N ARG B 37 7.22 35.84 -10.85
CA ARG B 37 7.77 36.13 -9.53
C ARG B 37 6.69 36.73 -8.66
N LEU B 38 6.71 36.36 -7.39
CA LEU B 38 5.84 36.96 -6.39
C LEU B 38 6.59 38.05 -5.66
N PRO B 39 5.89 39.11 -5.23
CA PRO B 39 4.44 39.32 -5.35
C PRO B 39 3.97 39.97 -6.66
N ALA B 40 4.91 40.32 -7.55
CA ALA B 40 4.60 41.07 -8.75
C ALA B 40 3.53 40.38 -9.59
N ASP B 41 3.67 39.08 -9.75
CA ASP B 41 2.79 38.30 -10.64
C ASP B 41 1.71 37.51 -9.88
N ARG B 42 1.45 37.86 -8.62
CA ARG B 42 0.48 37.13 -7.79
C ARG B 42 -0.89 37.03 -8.45
N THR B 43 -1.39 38.14 -8.95
CA THR B 43 -2.70 38.17 -9.58
C THR B 43 -2.79 37.23 -10.80
N ALA B 44 -1.82 37.33 -11.71
CA ALA B 44 -1.83 36.50 -12.91
C ALA B 44 -1.65 35.03 -12.53
N ALA B 45 -0.74 34.77 -11.59
CA ALA B 45 -0.48 33.40 -11.13
C ALA B 45 -1.72 32.74 -10.52
N SER B 46 -2.45 33.49 -9.69
CA SER B 46 -3.63 32.97 -9.02
C SER B 46 -4.73 32.71 -10.04
N GLN B 47 -4.91 33.65 -10.96
CA GLN B 47 -5.95 33.48 -11.95
C GLN B 47 -5.63 32.33 -12.89
N PHE B 48 -4.34 32.08 -13.18
CA PHE B 48 -3.97 30.98 -14.05
C PHE B 48 -4.26 29.64 -13.37
N LEU B 49 -4.00 29.55 -12.08
CA LEU B 49 -4.35 28.32 -11.35
C LEU B 49 -5.84 28.07 -11.37
N ARG B 50 -6.62 29.13 -11.15
CA ARG B 50 -8.07 29.04 -11.22
C ARG B 50 -8.55 28.69 -12.64
N TYR B 51 -7.80 29.11 -13.65
CA TYR B 51 -8.12 28.77 -15.05
C TYR B 51 -7.90 27.26 -15.29
N LYS B 52 -6.84 26.73 -14.71
CA LYS B 52 -6.48 25.34 -14.95
C LYS B 52 -7.32 24.35 -14.15
N ALA B 53 -7.74 24.77 -12.95
CA ALA B 53 -8.29 23.81 -11.98
C ALA B 53 -9.56 23.07 -12.42
N PRO B 54 -10.54 23.76 -13.05
CA PRO B 54 -11.78 23.03 -13.31
C PRO B 54 -11.65 21.78 -14.16
N ALA B 55 -10.87 21.82 -15.23
CA ALA B 55 -10.70 20.65 -16.06
C ALA B 55 -9.94 19.54 -15.32
N GLN B 56 -8.98 19.91 -14.48
CA GLN B 56 -8.25 18.92 -13.70
C GLN B 56 -9.19 18.25 -12.70
N LEU B 57 -10.03 19.05 -12.05
CA LEU B 57 -10.97 18.51 -11.08
C LEU B 57 -11.98 17.59 -11.76
N LYS B 58 -12.46 18.00 -12.92
CA LYS B 58 -13.36 17.15 -13.70
C LYS B 58 -12.77 15.75 -13.91
N ASP B 59 -11.50 15.65 -14.32
CA ASP B 59 -10.90 14.34 -14.55
C ASP B 59 -10.82 13.52 -13.24
N VAL B 60 -10.54 14.19 -12.12
CA VAL B 60 -10.53 13.51 -10.84
C VAL B 60 -11.91 12.96 -10.52
N TYR B 61 -12.97 13.73 -10.77
CA TYR B 61 -14.32 13.23 -10.48
C TYR B 61 -14.66 11.99 -11.29
N LEU B 62 -14.19 11.94 -12.55
CA LEU B 62 -14.49 10.81 -13.42
C LEU B 62 -13.94 9.48 -12.84
N SER B 63 -12.87 9.60 -12.06
CA SER B 63 -12.14 8.45 -11.52
C SER B 63 -12.79 7.81 -10.30
N VAL B 64 -13.84 8.43 -9.78
CA VAL B 64 -14.48 7.93 -8.56
C VAL B 64 -15.36 6.69 -8.84
N LEU B 65 -15.15 5.65 -8.07
CA LEU B 65 -15.94 4.44 -8.23
C LEU B 65 -17.37 4.64 -7.71
N VAL B 66 -18.35 4.33 -8.57
CA VAL B 66 -19.77 4.50 -8.26
C VAL B 66 -20.38 3.23 -7.66
N ASP B 67 -20.10 2.09 -8.26
CA ASP B 67 -20.69 0.83 -7.82
C ASP B 67 -19.79 -0.31 -8.29
N SER B 68 -20.30 -1.54 -8.28
CA SER B 68 -19.47 -2.72 -8.55
C SER B 68 -18.95 -2.78 -9.99
N GLN B 69 -19.54 -2.00 -10.88
CA GLN B 69 -19.18 -2.02 -12.30
C GLN B 69 -18.53 -0.73 -12.80
N ASN B 70 -19.01 0.41 -12.31
CA ASN B 70 -18.79 1.68 -12.99
C ASN B 70 -18.09 2.73 -12.14
N ARG B 71 -17.27 3.52 -12.82
CA ARG B 71 -16.70 4.72 -12.28
C ARG B 71 -17.59 5.87 -12.85
N VAL B 72 -17.43 7.06 -12.34
CA VAL B 72 -18.23 8.19 -12.80
C VAL B 72 -18.08 8.37 -14.32
N GLY B 73 -16.88 8.16 -14.83
CA GLY B 73 -16.65 8.30 -16.25
C GLY B 73 -17.39 7.27 -17.06
N ASP B 74 -17.55 6.06 -16.53
CA ASP B 74 -18.32 5.04 -17.20
C ASP B 74 -19.79 5.44 -17.27
N CYS B 75 -20.32 5.94 -16.16
CA CYS B 75 -21.69 6.42 -16.13
C CYS B 75 -21.91 7.51 -17.15
N LEU B 76 -20.93 8.37 -17.32
CA LEU B 76 -20.97 9.40 -18.35
C LEU B 76 -21.05 8.80 -19.75
N ALA B 77 -20.16 7.85 -20.01
CA ALA B 77 -20.15 7.18 -21.31
C ALA B 77 -21.47 6.43 -21.57
N HIS B 78 -22.14 5.97 -20.51
CA HIS B 78 -23.44 5.29 -20.64
C HIS B 78 -24.60 6.27 -20.74
N GLU B 79 -24.28 7.56 -20.63
CA GLU B 79 -25.25 8.64 -20.71
C GLU B 79 -26.26 8.60 -19.58
N LYS B 80 -25.84 8.07 -18.44
CA LYS B 80 -26.63 8.14 -17.22
C LYS B 80 -26.53 9.53 -16.59
N ILE B 81 -25.41 10.21 -16.82
CA ILE B 81 -25.23 11.58 -16.37
C ILE B 81 -24.65 12.37 -17.51
N ARG B 82 -24.61 13.70 -17.36
CA ARG B 82 -24.05 14.56 -18.40
C ARG B 82 -22.82 15.25 -17.88
N LEU B 83 -21.91 15.59 -18.77
CA LEU B 83 -20.66 16.25 -18.37
C LEU B 83 -20.98 17.52 -17.58
N ALA B 84 -22.05 18.21 -17.93
CA ALA B 84 -22.40 19.45 -17.26
C ALA B 84 -22.74 19.22 -15.79
N ASP B 85 -23.22 18.02 -15.46
CA ASP B 85 -23.55 17.65 -14.08
C ASP B 85 -22.27 17.51 -13.27
N ILE B 86 -21.22 17.04 -13.94
CA ILE B 86 -19.94 16.80 -13.29
C ILE B 86 -19.13 18.08 -13.15
N THR B 87 -19.08 18.90 -14.19
CA THR B 87 -18.31 20.13 -14.08
C THR B 87 -18.94 21.09 -13.06
N ALA B 88 -20.25 20.96 -12.83
CA ALA B 88 -20.93 21.77 -11.83
C ALA B 88 -20.36 21.51 -10.44
N LEU B 89 -19.78 20.33 -10.25
CA LEU B 89 -19.32 19.92 -8.91
C LEU B 89 -18.18 20.79 -8.43
N VAL B 90 -17.48 21.42 -9.37
CA VAL B 90 -16.33 22.23 -9.03
C VAL B 90 -16.80 23.38 -8.11
N ASP B 91 -18.02 23.85 -8.38
CA ASP B 91 -18.64 24.91 -7.58
C ASP B 91 -19.27 24.42 -6.27
N ALA B 92 -19.35 23.10 -6.11
CA ALA B 92 -19.90 22.51 -4.89
C ALA B 92 -18.84 22.41 -3.81
N GLY B 93 -17.60 22.61 -4.21
CA GLY B 93 -16.48 22.46 -3.31
C GLY B 93 -15.94 23.80 -2.88
N HIS B 94 -14.82 23.78 -2.16
CA HIS B 94 -14.20 24.98 -1.64
C HIS B 94 -12.72 24.99 -2.02
N HIS B 95 -12.19 26.17 -2.35
CA HIS B 95 -10.80 26.26 -2.73
C HIS B 95 -10.05 27.39 -2.00
N ALA B 96 -8.73 27.32 -2.06
CA ALA B 96 -7.87 28.37 -1.52
C ALA B 96 -6.56 28.40 -2.27
N VAL B 97 -6.10 29.61 -2.59
CA VAL B 97 -4.79 29.83 -3.19
C VAL B 97 -3.82 30.39 -2.16
N THR B 98 -2.73 29.66 -1.93
CA THR B 98 -1.74 30.00 -0.90
C THR B 98 -0.31 29.76 -1.36
N THR B 99 0.65 30.10 -0.50
CA THR B 99 2.04 29.72 -0.71
C THR B 99 2.45 28.57 0.23
N LEU B 100 1.50 27.73 0.60
CA LEU B 100 1.75 26.63 1.52
C LEU B 100 2.33 25.41 0.80
N SER B 101 2.79 25.62 -0.43
CA SER B 101 3.52 24.61 -1.15
C SER B 101 4.82 24.29 -0.40
N PRO B 102 5.24 23.03 -0.41
CA PRO B 102 6.52 22.77 0.25
C PRO B 102 7.71 23.23 -0.57
N SER B 103 7.44 23.79 -1.76
CA SER B 103 8.49 24.17 -2.69
C SER B 103 8.66 25.68 -2.71
N VAL B 104 9.90 26.14 -2.89
CA VAL B 104 10.15 27.56 -3.11
C VAL B 104 9.54 27.98 -4.45
N ARG B 105 9.24 29.27 -4.58
CA ARG B 105 8.86 29.86 -5.86
C ARG B 105 7.67 29.11 -6.45
N SER B 106 6.67 28.88 -5.60
CA SER B 106 5.48 28.11 -5.95
C SER B 106 4.23 28.78 -5.45
N LEU B 107 3.11 28.51 -6.12
CA LEU B 107 1.80 28.95 -5.66
C LEU B 107 0.90 27.72 -5.73
N GLN B 108 0.06 27.54 -4.71
CA GLN B 108 -0.75 26.32 -4.59
C GLN B 108 -2.24 26.64 -4.52
N LEU B 109 -3.03 25.90 -5.31
CA LEU B 109 -4.48 25.94 -5.19
C LEU B 109 -4.94 24.60 -4.60
N SER B 110 -5.66 24.66 -3.48
CA SER B 110 -6.22 23.48 -2.82
C SER B 110 -7.70 23.52 -2.99
N HIS B 111 -8.29 22.38 -3.31
CA HIS B 111 -9.72 22.31 -3.54
C HIS B 111 -10.27 21.05 -2.90
N GLN B 112 -11.37 21.18 -2.17
CA GLN B 112 -12.05 20.03 -1.60
C GLN B 112 -13.50 19.96 -2.04
N THR B 113 -13.94 18.73 -2.37
CA THR B 113 -15.30 18.46 -2.81
C THR B 113 -15.87 17.31 -1.96
N PRO B 114 -17.08 17.49 -1.40
CA PRO B 114 -17.66 16.36 -0.65
C PRO B 114 -18.16 15.26 -1.58
N LEU B 115 -17.91 14.00 -1.24
CA LEU B 115 -18.31 12.88 -2.07
C LEU B 115 -19.82 12.80 -2.22
N THR B 116 -20.57 13.30 -1.25
CA THR B 116 -22.02 13.30 -1.38
C THR B 116 -22.50 14.18 -2.54
N ALA B 117 -21.71 15.18 -2.93
CA ALA B 117 -22.05 15.98 -4.11
C ALA B 117 -22.06 15.14 -5.38
N LEU B 118 -21.12 14.20 -5.48
CA LEU B 118 -21.11 13.25 -6.59
C LEU B 118 -22.25 12.24 -6.45
N ALA B 119 -22.43 11.72 -5.24
CA ALA B 119 -23.43 10.69 -5.03
C ALA B 119 -24.81 11.21 -5.39
N ARG B 120 -25.09 12.48 -5.10
CA ARG B 120 -26.46 12.93 -5.26
C ARG B 120 -26.87 12.98 -6.73
N LEU B 121 -25.89 13.03 -7.63
CA LEU B 121 -26.15 12.93 -9.07
C LEU B 121 -26.87 11.66 -9.47
N PHE B 122 -26.71 10.62 -8.67
CA PHE B 122 -27.23 9.30 -8.98
C PHE B 122 -28.47 8.92 -8.20
N VAL B 123 -28.92 9.80 -7.30
CA VAL B 123 -30.09 9.53 -6.48
C VAL B 123 -31.30 10.14 -7.17
N THR B 124 -32.10 9.28 -7.78
CA THR B 124 -33.22 9.72 -8.60
C THR B 124 -34.55 9.12 -8.16
N HIS B 125 -34.51 8.17 -7.23
CA HIS B 125 -35.74 7.54 -6.77
C HIS B 125 -36.52 8.46 -5.82
N GLU B 126 -37.85 8.36 -5.87
CA GLU B 126 -38.69 9.25 -5.09
C GLU B 126 -39.01 8.65 -3.74
N THR B 127 -39.08 7.32 -3.70
CA THR B 127 -39.45 6.61 -2.50
C THR B 127 -38.54 5.42 -2.27
N ALA B 128 -38.14 5.20 -1.01
CA ALA B 128 -37.40 4.00 -0.64
C ALA B 128 -38.28 2.76 -0.74
N TYR B 129 -37.71 1.64 -1.17
CA TYR B 129 -38.48 0.39 -1.10
C TYR B 129 -37.95 -0.53 -0.01
N VAL B 130 -38.81 -1.43 0.46
CA VAL B 130 -38.40 -2.56 1.29
C VAL B 130 -38.68 -3.83 0.50
N PRO B 131 -37.71 -4.77 0.43
CA PRO B 131 -37.98 -6.02 -0.30
C PRO B 131 -39.08 -6.85 0.36
N ALA B 132 -39.60 -7.85 -0.36
CA ALA B 132 -40.57 -8.79 0.21
C ALA B 132 -39.84 -9.77 1.13
N ILE B 133 -39.45 -9.30 2.30
CA ILE B 133 -38.56 -10.06 3.17
C ILE B 133 -39.31 -11.13 3.95
N PRO B 134 -38.68 -12.30 4.15
CA PRO B 134 -39.30 -13.32 5.01
C PRO B 134 -39.19 -12.93 6.48
N PRO B 135 -40.23 -13.20 7.28
CA PRO B 135 -40.08 -12.97 8.72
C PRO B 135 -38.95 -13.82 9.30
N THR B 136 -38.10 -13.22 10.12
CA THR B 136 -37.04 -13.95 10.81
C THR B 136 -37.63 -14.69 12.01
N SER B 137 -37.48 -16.01 12.02
CA SER B 137 -38.02 -16.84 13.09
C SER B 137 -37.12 -16.82 14.32
N ALA B 138 -35.83 -16.57 14.13
CA ALA B 138 -34.86 -16.61 15.23
C ALA B 138 -34.94 -15.37 16.11
N VAL B 139 -34.46 -15.51 17.35
CA VAL B 139 -34.45 -14.40 18.31
C VAL B 139 -33.66 -13.22 17.76
N SER B 140 -34.17 -12.02 18.00
CA SER B 140 -33.53 -10.81 17.52
C SER B 140 -33.59 -9.71 18.57
N ARG B 141 -32.73 -8.71 18.38
CA ARG B 141 -32.69 -7.54 19.23
C ARG B 141 -32.68 -6.32 18.33
N PRO B 142 -33.08 -5.16 18.87
CA PRO B 142 -32.99 -3.91 18.12
C PRO B 142 -31.60 -3.30 18.20
N TYR B 143 -31.14 -2.71 17.11
CA TYR B 143 -29.82 -2.11 17.04
C TYR B 143 -29.87 -0.64 16.63
N THR B 144 -28.77 0.08 16.79
CA THR B 144 -28.73 1.51 16.46
C THR B 144 -28.06 1.77 15.12
N GLY B 145 -27.52 0.72 14.52
CA GLY B 145 -26.82 0.86 13.25
C GLY B 145 -26.23 -0.49 12.88
N ILE B 146 -25.58 -0.52 11.72
CA ILE B 146 -24.97 -1.73 11.19
C ILE B 146 -23.50 -1.47 10.90
N LEU B 147 -22.62 -2.32 11.42
CA LEU B 147 -21.18 -2.22 11.19
C LEU B 147 -20.67 -3.45 10.47
N ILE B 148 -20.20 -3.29 9.23
CA ILE B 148 -19.69 -4.44 8.43
C ILE B 148 -18.17 -4.40 8.47
N ASP B 149 -17.54 -5.43 9.01
CA ASP B 149 -16.08 -5.49 8.98
C ASP B 149 -15.63 -6.22 7.72
N ALA B 150 -15.22 -5.43 6.74
CA ALA B 150 -14.85 -5.95 5.43
C ALA B 150 -13.37 -5.76 5.16
N ARG B 151 -12.58 -5.80 6.23
CA ARG B 151 -11.13 -5.76 6.08
C ARG B 151 -10.55 -7.08 5.59
N GLY B 152 -9.37 -6.99 5.02
CA GLY B 152 -8.62 -8.15 4.59
C GLY B 152 -8.96 -8.65 3.20
N SER B 153 -8.43 -9.82 2.88
CA SER B 153 -8.64 -10.44 1.59
C SER B 153 -9.91 -11.27 1.65
N LEU B 154 -10.86 -10.93 0.82
CA LEU B 154 -12.18 -11.56 0.85
C LEU B 154 -12.40 -12.42 -0.38
N PRO B 155 -12.96 -13.63 -0.19
CA PRO B 155 -13.30 -14.46 -1.34
C PRO B 155 -14.26 -13.78 -2.30
N VAL B 156 -13.87 -13.72 -3.57
CA VAL B 156 -14.67 -13.07 -4.59
C VAL B 156 -15.73 -14.01 -5.12
N HIS B 157 -16.97 -13.58 -5.01
CA HIS B 157 -18.07 -14.40 -5.48
C HIS B 157 -17.97 -14.74 -6.96
N GLY B 158 -18.16 -16.02 -7.27
CA GLY B 158 -18.17 -16.45 -8.65
C GLY B 158 -16.80 -16.54 -9.27
N GLU B 159 -15.75 -16.34 -8.46
CA GLU B 159 -14.36 -16.49 -8.92
C GLU B 159 -13.59 -17.37 -7.93
N TYR B 160 -12.30 -17.57 -8.17
CA TYR B 160 -11.49 -18.41 -7.30
C TYR B 160 -10.46 -17.60 -6.52
N VAL B 161 -10.44 -16.29 -6.71
CA VAL B 161 -9.47 -15.44 -6.05
C VAL B 161 -10.07 -14.74 -4.83
N SER B 162 -9.20 -14.19 -4.00
CA SER B 162 -9.58 -13.37 -2.86
C SER B 162 -8.93 -12.01 -3.01
N GLU B 163 -9.70 -10.96 -2.78
CA GLU B 163 -9.19 -9.60 -2.96
C GLU B 163 -9.81 -8.69 -1.90
N PRO B 164 -9.15 -7.56 -1.64
CA PRO B 164 -9.72 -6.62 -0.68
C PRO B 164 -10.87 -5.84 -1.31
N LEU B 165 -11.72 -5.31 -0.46
CA LEU B 165 -12.83 -4.49 -0.89
C LEU B 165 -12.35 -3.13 -1.33
N SER B 166 -12.99 -2.60 -2.38
CA SER B 166 -12.82 -1.20 -2.80
C SER B 166 -14.02 -0.39 -2.37
N ALA B 167 -13.77 0.84 -1.92
CA ALA B 167 -14.83 1.78 -1.58
C ALA B 167 -15.52 2.29 -2.83
N CYS B 168 -16.79 2.64 -2.69
CA CYS B 168 -17.51 3.26 -3.81
C CYS B 168 -18.68 4.07 -3.29
N LEU B 169 -19.31 4.86 -4.16
CA LEU B 169 -20.45 5.67 -3.70
C LEU B 169 -21.64 4.82 -3.28
N PHE B 170 -21.91 3.74 -4.01
CA PHE B 170 -23.08 2.90 -3.78
C PHE B 170 -22.75 1.41 -3.69
N PRO B 171 -22.17 0.99 -2.57
CA PRO B 171 -22.05 -0.45 -2.33
C PRO B 171 -23.39 -1.11 -2.13
N LYS B 172 -23.44 -2.42 -2.37
CA LYS B 172 -24.58 -3.23 -1.98
C LYS B 172 -24.10 -4.26 -0.97
N ILE B 173 -25.02 -4.80 -0.19
CA ILE B 173 -24.72 -5.90 0.72
C ILE B 173 -25.58 -7.08 0.31
N TRP B 174 -24.93 -8.23 0.17
CA TRP B 174 -25.57 -9.49 -0.22
C TRP B 174 -25.45 -10.51 0.89
N SER B 175 -26.39 -11.45 0.94
CA SER B 175 -26.22 -12.60 1.82
C SER B 175 -25.42 -13.66 1.08
N THR B 176 -25.01 -14.70 1.80
CA THR B 176 -24.21 -15.75 1.19
C THR B 176 -25.01 -16.51 0.12
N ASP B 177 -26.34 -16.42 0.20
CA ASP B 177 -27.22 -17.00 -0.82
C ASP B 177 -27.55 -16.02 -1.93
N MET B 178 -26.84 -14.89 -1.92
CA MET B 178 -27.02 -13.81 -2.88
C MET B 178 -28.44 -13.23 -2.88
N ASP B 179 -29.05 -13.18 -1.70
CA ASP B 179 -30.18 -12.30 -1.50
C ASP B 179 -29.62 -10.90 -1.40
N LEU B 180 -30.31 -9.92 -1.97
CA LEU B 180 -29.91 -8.51 -1.86
C LEU B 180 -30.47 -7.91 -0.58
N ILE B 181 -29.56 -7.55 0.33
CA ILE B 181 -29.90 -7.09 1.67
C ILE B 181 -29.94 -5.55 1.74
N TYR B 182 -29.03 -4.91 1.01
CA TYR B 182 -28.91 -3.46 1.05
C TYR B 182 -28.50 -2.90 -0.28
N GLU B 183 -29.17 -1.84 -0.70
CA GLU B 183 -28.83 -1.11 -1.90
C GLU B 183 -29.46 0.28 -1.84
N LYS B 184 -28.95 1.15 -2.69
CA LYS B 184 -29.29 2.57 -2.71
C LYS B 184 -30.79 2.85 -2.69
N ASN B 185 -31.57 2.10 -3.47
CA ASN B 185 -32.99 2.39 -3.55
C ASN B 185 -33.76 2.04 -2.26
N MET B 186 -33.12 1.34 -1.32
CA MET B 186 -33.73 1.10 -0.02
C MET B 186 -33.59 2.31 0.90
N VAL B 187 -32.75 3.26 0.53
CA VAL B 187 -32.47 4.40 1.40
C VAL B 187 -33.39 5.56 1.01
N HIS B 188 -34.00 6.17 2.02
CA HIS B 188 -34.81 7.35 1.79
C HIS B 188 -33.96 8.32 0.97
N PRO B 189 -34.48 8.77 -0.17
CA PRO B 189 -33.59 9.55 -1.05
C PRO B 189 -33.02 10.80 -0.40
N ASP B 190 -33.76 11.51 0.45
CA ASP B 190 -33.17 12.70 1.05
C ASP B 190 -32.01 12.36 1.97
N ARG B 191 -32.06 11.20 2.61
CA ARG B 191 -30.97 10.76 3.49
C ARG B 191 -29.78 10.35 2.62
N ALA B 192 -30.03 9.61 1.54
CA ALA B 192 -28.94 9.20 0.65
C ALA B 192 -28.23 10.42 0.05
N LYS B 193 -28.98 11.45 -0.32
CA LYS B 193 -28.39 12.68 -0.87
C LYS B 193 -27.55 13.40 0.19
N ALA B 194 -27.95 13.29 1.46
CA ALA B 194 -27.32 14.09 2.50
C ALA B 194 -26.04 13.45 3.06
N TRP B 195 -26.06 12.13 3.29
CA TRP B 195 -24.87 11.47 3.82
C TRP B 195 -24.55 10.14 3.19
N GLY B 196 -25.08 9.91 1.99
CA GLY B 196 -24.72 8.73 1.25
C GLY B 196 -25.37 7.49 1.82
N VAL B 197 -25.03 6.33 1.28
CA VAL B 197 -25.65 5.10 1.74
C VAL B 197 -24.78 4.37 2.79
N VAL B 198 -23.50 4.73 2.86
CA VAL B 198 -22.61 4.24 3.91
C VAL B 198 -21.58 5.29 4.23
N ARG B 199 -20.90 5.10 5.34
CA ARG B 199 -19.63 5.77 5.55
C ARG B 199 -18.61 4.68 5.69
N TYR B 200 -17.43 4.93 5.13
CA TYR B 200 -16.33 4.01 5.30
C TYR B 200 -15.52 4.41 6.50
N GLY B 201 -15.18 3.43 7.30
CA GLY B 201 -14.55 3.68 8.57
C GLY B 201 -13.20 3.05 8.73
N SER B 202 -12.48 3.59 9.70
CA SER B 202 -11.18 3.10 10.09
C SER B 202 -11.30 2.54 11.50
N VAL B 203 -10.63 1.43 11.77
CA VAL B 203 -10.64 0.89 13.12
C VAL B 203 -9.97 1.88 14.10
N TRP B 204 -9.21 2.85 13.57
CA TRP B 204 -8.48 3.82 14.38
C TRP B 204 -9.24 5.11 14.64
N ASP B 205 -10.44 5.23 14.10
CA ASP B 205 -11.23 6.44 14.31
C ASP B 205 -12.69 6.06 14.54
N GLU B 206 -12.90 5.24 15.56
CA GLU B 206 -14.24 4.76 15.89
C GLU B 206 -15.14 5.92 16.33
N LYS B 207 -14.52 6.96 16.89
CA LYS B 207 -15.27 8.14 17.29
C LYS B 207 -15.97 8.77 16.10
N MET B 208 -15.29 8.79 14.95
CA MET B 208 -15.88 9.35 13.74
C MET B 208 -17.10 8.54 13.30
N TYR B 209 -17.01 7.20 13.33
CA TYR B 209 -18.09 6.39 12.78
C TYR B 209 -19.20 6.02 13.79
N ARG B 210 -18.98 6.28 15.07
CA ARG B 210 -20.05 6.16 16.09
C ARG B 210 -21.26 7.11 15.91
N ASP B 211 -21.02 8.25 15.28
CA ASP B 211 -22.08 9.22 14.97
C ASP B 211 -23.06 8.70 13.92
N ARG B 212 -22.71 7.57 13.31
CA ARG B 212 -23.48 7.02 12.20
C ARG B 212 -24.29 5.78 12.64
N ILE B 213 -23.75 5.01 13.57
CA ILE B 213 -24.37 3.73 13.94
C ILE B 213 -24.68 3.58 15.43
N GLY B 214 -24.48 4.63 16.20
CA GLY B 214 -24.91 4.65 17.59
C GLY B 214 -24.10 3.79 18.53
N THR B 215 -24.65 3.57 19.71
CA THR B 215 -23.94 2.88 20.78
C THR B 215 -24.14 1.36 20.82
N THR B 216 -25.17 0.85 20.13
CA THR B 216 -25.39 -0.61 20.09
C THR B 216 -25.64 -1.09 18.64
N PRO B 217 -24.59 -1.01 17.82
CA PRO B 217 -24.67 -1.51 16.44
C PRO B 217 -24.66 -3.04 16.34
N LEU B 218 -25.24 -3.53 15.24
CA LEU B 218 -25.12 -4.92 14.85
C LEU B 218 -23.79 -5.07 14.12
N LYS B 219 -22.89 -5.86 14.70
CA LYS B 219 -21.56 -6.03 14.16
C LYS B 219 -21.49 -7.34 13.37
N ILE B 220 -21.08 -7.22 12.11
CA ILE B 220 -21.12 -8.32 11.15
C ILE B 220 -19.80 -8.42 10.39
N ILE B 221 -19.23 -9.62 10.32
CA ILE B 221 -18.01 -9.79 9.54
C ILE B 221 -18.39 -10.11 8.09
N ALA B 222 -17.67 -9.57 7.13
CA ALA B 222 -17.89 -9.91 5.75
C ALA B 222 -17.27 -11.29 5.49
N ARG B 223 -18.01 -12.13 4.78
CA ARG B 223 -17.57 -13.48 4.43
C ARG B 223 -17.02 -13.56 3.01
N GLY B 224 -17.27 -12.52 2.22
CA GLY B 224 -16.85 -12.51 0.84
C GLY B 224 -17.11 -11.13 0.27
N VAL B 225 -16.82 -10.98 -1.02
CA VAL B 225 -17.09 -9.73 -1.70
C VAL B 225 -17.58 -10.06 -3.11
N PHE B 226 -18.49 -9.23 -3.59
CA PHE B 226 -19.07 -9.36 -4.93
C PHE B 226 -18.72 -8.17 -5.78
N GLY B 227 -18.47 -8.44 -7.06
CA GLY B 227 -18.46 -7.39 -8.06
C GLY B 227 -17.20 -7.34 -8.87
N GLN B 228 -17.33 -6.87 -10.11
CA GLN B 228 -16.19 -6.65 -10.96
C GLN B 228 -15.13 -5.78 -10.30
N GLN B 229 -15.58 -4.76 -9.57
CA GLN B 229 -14.68 -3.85 -8.85
C GLN B 229 -14.65 -4.13 -7.34
N ARG B 230 -15.20 -5.28 -6.93
CA ARG B 230 -15.09 -5.81 -5.57
C ARG B 230 -15.54 -4.81 -4.50
N THR B 231 -16.79 -4.39 -4.63
CA THR B 231 -17.37 -3.36 -3.79
C THR B 231 -18.40 -3.81 -2.77
N ASP B 232 -19.01 -4.97 -3.03
CA ASP B 232 -20.21 -5.36 -2.29
C ASP B 232 -19.93 -6.42 -1.24
N PRO B 233 -19.99 -6.07 0.05
CA PRO B 233 -19.76 -7.14 1.00
C PRO B 233 -20.81 -8.24 0.95
N ILE B 234 -20.36 -9.46 1.19
CA ILE B 234 -21.25 -10.61 1.33
C ILE B 234 -21.24 -11.03 2.81
N ILE B 235 -22.42 -11.13 3.40
CA ILE B 235 -22.54 -11.51 4.81
C ILE B 235 -23.30 -12.81 5.00
N ALA B 236 -23.08 -13.46 6.14
CA ALA B 236 -23.77 -14.72 6.45
C ALA B 236 -25.28 -14.53 6.50
N SER B 237 -26.01 -15.54 6.03
CA SER B 237 -27.46 -15.45 6.02
C SER B 237 -28.03 -15.21 7.42
N LYS B 238 -27.38 -15.77 8.43
CA LYS B 238 -27.83 -15.61 9.80
C LYS B 238 -27.71 -14.16 10.27
N ASP B 239 -26.69 -13.45 9.79
CA ASP B 239 -26.52 -12.03 10.12
C ASP B 239 -27.53 -11.15 9.33
N ALA B 240 -27.72 -11.45 8.06
CA ALA B 240 -28.74 -10.79 7.26
C ALA B 240 -30.09 -10.91 7.94
N ALA B 241 -30.36 -12.08 8.52
CA ALA B 241 -31.64 -12.32 9.17
C ALA B 241 -31.86 -11.40 10.38
N GLN B 242 -30.79 -11.03 11.08
CA GLN B 242 -30.90 -10.09 12.20
C GLN B 242 -31.31 -8.70 11.76
N ILE B 243 -30.78 -8.27 10.63
CA ILE B 243 -31.18 -6.99 10.06
C ILE B 243 -32.66 -7.01 9.72
N LEU B 244 -33.08 -8.10 9.07
CA LEU B 244 -34.40 -8.21 8.51
C LEU B 244 -35.48 -8.58 9.55
N ALA B 245 -35.03 -8.94 10.76
CA ALA B 245 -35.91 -9.44 11.81
C ALA B 245 -36.93 -8.46 12.38
N ARG B 246 -36.57 -7.18 12.43
CA ARG B 246 -37.38 -6.18 13.10
C ARG B 246 -37.51 -4.91 12.28
N PRO B 247 -38.68 -4.26 12.34
CA PRO B 247 -38.85 -2.96 11.64
C PRO B 247 -37.82 -1.92 12.08
N GLU B 248 -37.40 -1.95 13.35
CA GLU B 248 -36.42 -1.01 13.87
C GLU B 248 -35.10 -1.19 13.16
N ASN B 249 -34.83 -2.42 12.76
CA ASN B 249 -33.56 -2.70 12.11
C ASN B 249 -33.65 -2.39 10.63
N LEU B 250 -34.81 -2.59 10.03
CA LEU B 250 -35.01 -2.20 8.63
C LEU B 250 -34.92 -0.68 8.47
N ARG B 251 -35.31 0.06 9.52
CA ARG B 251 -35.20 1.50 9.52
C ARG B 251 -33.73 1.92 9.41
N LEU B 252 -32.82 1.08 9.89
CA LEU B 252 -31.38 1.40 9.80
C LEU B 252 -30.91 1.44 8.34
N LEU B 253 -31.47 0.53 7.55
CA LEU B 253 -31.20 0.54 6.13
C LEU B 253 -31.85 1.74 5.45
N ALA B 254 -33.10 2.02 5.78
CA ALA B 254 -33.81 3.13 5.19
C ALA B 254 -33.13 4.47 5.46
N GLU B 255 -32.47 4.61 6.62
CA GLU B 255 -31.85 5.89 6.95
C GLU B 255 -30.35 5.91 6.69
N GLY B 256 -29.80 4.79 6.25
CA GLY B 256 -28.39 4.73 5.91
C GLY B 256 -27.43 4.62 7.08
N ASN B 257 -27.88 4.02 8.19
CA ASN B 257 -27.06 3.83 9.39
C ASN B 257 -26.14 2.63 9.24
N VAL B 258 -25.22 2.76 8.31
CA VAL B 258 -24.34 1.67 7.94
C VAL B 258 -22.91 2.15 7.79
N ILE B 259 -21.99 1.45 8.46
CA ILE B 259 -20.55 1.65 8.30
C ILE B 259 -19.91 0.43 7.71
N ILE B 260 -19.08 0.65 6.70
CA ILE B 260 -18.19 -0.40 6.21
C ILE B 260 -16.75 -0.12 6.61
N LEU B 261 -16.14 -1.05 7.34
CA LEU B 261 -14.71 -0.99 7.63
C LEU B 261 -13.97 -1.66 6.52
N CYS B 262 -13.02 -0.97 5.92
CA CYS B 262 -12.23 -1.55 4.85
C CYS B 262 -10.77 -1.35 5.20
N ASP B 263 -9.87 -1.88 4.36
CA ASP B 263 -8.45 -1.70 4.61
C ASP B 263 -8.08 -0.23 4.57
N GLU B 264 -7.14 0.16 5.41
CA GLU B 264 -6.67 1.52 5.41
C GLU B 264 -6.26 1.99 4.02
N ALA B 265 -5.66 1.10 3.23
CA ALA B 265 -5.26 1.44 1.87
C ALA B 265 -6.44 1.81 0.98
N ALA B 266 -7.61 1.20 1.23
CA ALA B 266 -8.78 1.45 0.43
C ALA B 266 -9.44 2.79 0.82
N LEU B 267 -9.10 3.32 1.99
CA LEU B 267 -9.74 4.54 2.48
C LEU B 267 -9.20 5.82 1.84
N ARG B 268 -8.00 5.74 1.27
CA ARG B 268 -7.39 6.87 0.58
C ARG B 268 -6.85 6.40 -0.75
N VAL B 269 -7.53 6.80 -1.81
CA VAL B 269 -7.18 6.37 -3.15
C VAL B 269 -6.49 7.54 -3.83
N HIS B 270 -5.18 7.40 -3.97
CA HIS B 270 -4.41 8.44 -4.65
C HIS B 270 -4.57 8.30 -6.15
N VAL B 271 -4.90 9.41 -6.79
CA VAL B 271 -5.20 9.43 -8.21
C VAL B 271 -3.86 9.41 -8.97
N PRO B 272 -3.66 8.44 -9.86
CA PRO B 272 -2.38 8.38 -10.59
C PRO B 272 -2.32 9.39 -11.73
N TYR B 273 -1.12 9.92 -12.00
CA TYR B 273 -0.93 10.87 -13.09
C TYR B 273 0.15 10.33 -14.01
N PRO B 274 -0.05 10.45 -15.33
CA PRO B 274 -1.11 11.24 -15.96
C PRO B 274 -2.50 10.60 -15.88
N LEU B 275 -3.50 11.45 -15.69
CA LEU B 275 -4.85 10.99 -15.52
C LEU B 275 -5.63 11.12 -16.82
N VAL B 276 -6.56 10.19 -17.03
CA VAL B 276 -7.39 10.17 -18.22
C VAL B 276 -8.57 11.14 -18.14
N ASP B 277 -9.14 11.49 -19.30
CA ASP B 277 -10.33 12.31 -19.37
C ASP B 277 -11.51 11.51 -19.91
N GLU B 278 -12.60 12.19 -20.25
CA GLU B 278 -13.81 11.48 -20.62
C GLU B 278 -13.60 10.68 -21.90
N HIS B 279 -12.66 11.09 -22.75
CA HIS B 279 -12.47 10.38 -24.01
C HIS B 279 -11.90 8.98 -23.78
N PHE B 280 -11.19 8.78 -22.67
CA PHE B 280 -10.78 7.43 -22.25
C PHE B 280 -12.01 6.56 -21.99
N TYR B 281 -13.02 7.13 -21.32
CA TYR B 281 -14.21 6.36 -20.98
C TYR B 281 -15.05 6.06 -22.20
N PHE B 282 -15.11 7.01 -23.13
CA PHE B 282 -15.86 6.81 -24.37
C PHE B 282 -15.20 5.70 -25.19
N ALA B 283 -13.88 5.72 -25.23
CA ALA B 283 -13.12 4.73 -25.98
C ALA B 283 -13.28 3.34 -25.37
N TYR B 284 -13.20 3.26 -24.04
CA TYR B 284 -13.45 2.02 -23.31
C TYR B 284 -14.83 1.44 -23.65
N HIS B 285 -15.84 2.30 -23.71
CA HIS B 285 -17.22 1.92 -24.01
C HIS B 285 -17.26 1.33 -25.40
N ASP B 286 -16.51 1.93 -26.33
CA ASP B 286 -16.43 1.43 -27.70
C ASP B 286 -15.71 0.07 -27.77
N VAL B 287 -14.66 -0.09 -26.98
CA VAL B 287 -13.93 -1.35 -26.92
C VAL B 287 -14.82 -2.49 -26.44
N LYS B 288 -15.57 -2.23 -25.36
CA LYS B 288 -16.52 -3.22 -24.84
C LYS B 288 -17.57 -3.60 -25.87
N ARG B 289 -18.16 -2.60 -26.53
CA ARG B 289 -19.16 -2.84 -27.57
C ARG B 289 -18.56 -3.66 -28.71
N PHE B 290 -17.34 -3.31 -29.11
CA PHE B 290 -16.65 -4.00 -30.19
C PHE B 290 -16.45 -5.48 -29.85
N LEU B 291 -15.96 -5.75 -28.65
CA LEU B 291 -15.71 -7.12 -28.22
C LEU B 291 -17.01 -7.91 -28.08
N THR B 292 -18.05 -7.26 -27.56
CA THR B 292 -19.38 -7.88 -27.46
C THR B 292 -19.86 -8.33 -28.83
N ASP B 293 -19.78 -7.42 -29.79
CA ASP B 293 -20.19 -7.71 -31.16
C ASP B 293 -19.41 -8.87 -31.78
N GLU B 294 -18.09 -8.82 -31.69
CA GLU B 294 -17.23 -9.83 -32.32
C GLU B 294 -17.40 -11.20 -31.67
N ARG B 295 -17.72 -11.20 -30.36
CA ARG B 295 -17.82 -12.43 -29.58
C ARG B 295 -16.57 -13.29 -29.76
N SER B 296 -15.41 -12.66 -29.73
CA SER B 296 -14.16 -13.40 -29.78
C SER B 296 -14.08 -14.26 -28.53
N PRO B 297 -13.94 -15.59 -28.70
CA PRO B 297 -14.00 -16.44 -27.51
C PRO B 297 -12.86 -16.17 -26.53
N GLY B 298 -13.17 -16.24 -25.24
CA GLY B 298 -12.17 -16.10 -24.19
C GLY B 298 -11.44 -14.76 -24.17
N VAL B 299 -12.14 -13.68 -24.45
CA VAL B 299 -11.59 -12.34 -24.31
C VAL B 299 -12.46 -11.52 -23.36
N GLY B 300 -11.84 -10.97 -22.32
CA GLY B 300 -12.54 -10.13 -21.36
C GLY B 300 -11.80 -8.83 -21.12
N VAL B 301 -12.50 -7.81 -20.63
CA VAL B 301 -11.86 -6.52 -20.38
C VAL B 301 -12.36 -5.95 -19.06
N ARG B 302 -11.42 -5.35 -18.33
CA ARG B 302 -11.69 -4.68 -17.06
C ARG B 302 -10.91 -3.40 -17.03
N SER B 303 -11.40 -2.40 -16.30
CA SER B 303 -10.68 -1.15 -16.14
C SER B 303 -10.21 -0.95 -14.72
N GLY B 304 -9.13 -0.21 -14.61
CA GLY B 304 -8.66 0.35 -13.37
C GLY B 304 -8.85 1.84 -13.50
N ILE B 305 -8.30 2.57 -12.55
CA ILE B 305 -8.49 3.99 -12.47
C ILE B 305 -7.95 4.78 -13.69
N ASN B 306 -6.80 4.42 -14.24
CA ASN B 306 -6.39 4.98 -15.52
C ASN B 306 -5.72 3.95 -16.42
N THR B 307 -6.23 2.73 -16.38
CA THR B 307 -5.76 1.62 -17.21
C THR B 307 -6.92 0.74 -17.66
N LEU B 308 -6.71 0.00 -18.75
CA LEU B 308 -7.60 -1.09 -19.12
C LEU B 308 -6.78 -2.36 -19.12
N LYS B 309 -7.41 -3.48 -18.82
CA LYS B 309 -6.74 -4.77 -19.01
C LYS B 309 -7.61 -5.70 -19.83
N ILE B 310 -7.06 -6.16 -20.96
CA ILE B 310 -7.71 -7.19 -21.76
C ILE B 310 -7.07 -8.53 -21.42
N THR B 311 -7.90 -9.49 -21.01
CA THR B 311 -7.41 -10.82 -20.66
C THR B 311 -7.81 -11.74 -21.79
N VAL B 312 -6.83 -12.50 -22.31
CA VAL B 312 -7.05 -13.41 -23.43
C VAL B 312 -6.80 -14.82 -22.92
N TYR B 313 -7.86 -15.59 -22.79
CA TYR B 313 -7.77 -16.90 -22.18
C TYR B 313 -7.37 -17.95 -23.22
N ASP B 314 -6.76 -19.03 -22.72
CA ASP B 314 -6.30 -20.15 -23.56
C ASP B 314 -5.40 -19.74 -24.71
N VAL B 315 -4.30 -19.05 -24.40
CA VAL B 315 -3.28 -18.69 -25.39
C VAL B 315 -2.18 -19.74 -25.38
N ARG B 316 -1.80 -20.23 -26.57
CA ARG B 316 -0.84 -21.33 -26.66
C ARG B 316 0.39 -21.04 -27.50
N PHE B 317 0.30 -20.07 -28.42
CA PHE B 317 1.42 -19.84 -29.34
C PHE B 317 2.67 -19.32 -28.62
N VAL B 318 3.83 -19.41 -29.28
CA VAL B 318 5.10 -19.03 -28.68
C VAL B 318 5.95 -18.21 -29.64
N ALA B 319 6.87 -17.42 -29.08
CA ALA B 319 7.60 -16.43 -29.84
C ALA B 319 8.40 -17.07 -30.95
N ASN B 320 8.53 -16.35 -32.07
CA ASN B 320 9.39 -16.77 -33.18
C ASN B 320 9.05 -18.16 -33.77
N SER B 321 7.80 -18.58 -33.58
CA SER B 321 7.26 -19.73 -34.30
C SER B 321 6.53 -19.25 -35.55
N PRO B 322 6.78 -19.88 -36.70
CA PRO B 322 6.15 -19.39 -37.93
C PRO B 322 4.65 -19.69 -37.99
N GLU B 323 4.21 -20.66 -37.18
CA GLU B 323 2.85 -21.14 -37.28
C GLU B 323 1.89 -20.41 -36.35
N ILE B 324 0.66 -20.25 -36.84
CA ILE B 324 -0.43 -19.73 -36.03
C ILE B 324 -1.72 -20.34 -36.54
N LEU B 325 -2.61 -20.72 -35.62
CA LEU B 325 -3.91 -21.25 -36.02
C LEU B 325 -4.74 -20.17 -36.68
N ALA B 326 -5.66 -20.59 -37.55
CA ALA B 326 -6.56 -19.65 -38.21
C ALA B 326 -7.37 -18.89 -37.17
N SER B 327 -7.88 -19.61 -36.18
CA SER B 327 -8.73 -19.04 -35.15
C SER B 327 -7.98 -17.99 -34.30
N GLU B 328 -6.72 -18.27 -34.00
CA GLU B 328 -5.90 -17.32 -33.24
C GLU B 328 -5.51 -16.13 -34.10
N LYS B 329 -5.28 -16.34 -35.39
CA LYS B 329 -5.00 -15.23 -36.27
C LYS B 329 -6.17 -14.25 -36.21
N ASP B 330 -7.39 -14.80 -36.22
CA ASP B 330 -8.60 -13.99 -36.19
C ASP B 330 -8.77 -13.31 -34.83
N ARG B 331 -8.49 -14.05 -33.75
CA ARG B 331 -8.67 -13.49 -32.41
C ARG B 331 -7.70 -12.33 -32.19
N VAL B 332 -6.44 -12.48 -32.57
CA VAL B 332 -5.49 -11.39 -32.40
C VAL B 332 -5.85 -10.19 -33.29
N ASP B 333 -6.48 -10.43 -34.45
CA ASP B 333 -6.96 -9.33 -35.28
C ASP B 333 -7.98 -8.47 -34.50
N VAL B 334 -8.83 -9.14 -33.73
CA VAL B 334 -9.82 -8.48 -32.90
C VAL B 334 -9.13 -7.70 -31.79
N ILE B 335 -8.20 -8.37 -31.11
CA ILE B 335 -7.48 -7.76 -29.99
C ILE B 335 -6.76 -6.51 -30.47
N ALA B 336 -6.08 -6.61 -31.61
CA ALA B 336 -5.32 -5.48 -32.12
C ALA B 336 -6.23 -4.29 -32.43
N THR B 337 -7.40 -4.56 -33.01
CA THR B 337 -8.32 -3.50 -33.34
C THR B 337 -8.82 -2.84 -32.07
N ALA B 338 -9.12 -3.66 -31.07
CA ALA B 338 -9.55 -3.15 -29.78
C ALA B 338 -8.50 -2.24 -29.16
N LEU B 339 -7.25 -2.68 -29.13
CA LEU B 339 -6.18 -1.88 -28.55
C LEU B 339 -6.05 -0.53 -29.24
N LYS B 340 -6.14 -0.52 -30.57
CA LYS B 340 -5.99 0.70 -31.33
C LYS B 340 -7.10 1.69 -31.07
N LYS B 341 -8.26 1.19 -30.68
CA LYS B 341 -9.38 2.08 -30.36
C LYS B 341 -9.05 2.99 -29.17
N MET B 342 -8.04 2.64 -28.38
CA MET B 342 -7.65 3.50 -27.26
C MET B 342 -6.62 4.56 -27.66
N GLY B 343 -6.27 4.60 -28.95
CA GLY B 343 -5.49 5.71 -29.48
C GLY B 343 -3.99 5.52 -29.44
N PRO B 344 -3.26 6.52 -29.93
CA PRO B 344 -1.81 6.42 -30.16
C PRO B 344 -0.91 6.70 -28.94
N TYR B 345 -1.43 7.33 -27.88
CA TYR B 345 -0.59 7.79 -26.78
C TYR B 345 -0.60 6.82 -25.61
N THR B 346 -0.74 5.54 -25.91
CA THR B 346 -0.73 4.50 -24.89
C THR B 346 0.49 3.63 -25.05
N ARG B 347 0.82 2.91 -23.99
CA ARG B 347 1.77 1.81 -24.10
C ARG B 347 1.13 0.58 -23.48
N PHE B 348 1.77 -0.57 -23.66
CA PHE B 348 1.17 -1.84 -23.30
C PHE B 348 2.12 -2.69 -22.46
N LEU B 349 1.54 -3.37 -21.47
CA LEU B 349 2.26 -4.36 -20.67
C LEU B 349 1.57 -5.68 -20.91
N ILE B 350 2.29 -6.63 -21.49
CA ILE B 350 1.74 -7.93 -21.84
C ILE B 350 2.32 -8.98 -20.92
N GLU B 351 1.47 -9.63 -20.14
CA GLU B 351 1.88 -10.58 -19.12
C GLU B 351 1.38 -11.98 -19.40
N GLY B 352 2.32 -12.92 -19.52
CA GLY B 352 1.97 -14.30 -19.80
C GLY B 352 1.84 -15.16 -18.57
N HIS B 353 0.95 -16.13 -18.68
CA HIS B 353 0.68 -17.10 -17.62
C HIS B 353 0.51 -18.47 -18.22
N THR B 354 0.90 -19.50 -17.47
CA THR B 354 0.72 -20.89 -17.89
C THR B 354 -0.17 -21.65 -16.93
N ALA B 355 -0.67 -22.79 -17.38
CA ALA B 355 -1.28 -23.75 -16.47
C ALA B 355 -0.18 -24.34 -15.59
N ASP B 356 -0.57 -25.09 -14.57
CA ASP B 356 0.40 -25.76 -13.73
C ASP B 356 0.86 -27.04 -14.43
N LEU B 357 2.11 -27.05 -14.87
CA LEU B 357 2.70 -28.20 -15.56
C LEU B 357 3.57 -28.99 -14.59
N HIS B 358 3.66 -28.52 -13.36
CA HIS B 358 4.56 -29.07 -12.33
C HIS B 358 6.03 -28.97 -12.75
N ARG B 359 6.31 -28.01 -13.64
CA ARG B 359 7.66 -27.70 -14.07
C ARG B 359 7.90 -26.19 -13.96
N PRO B 360 8.22 -25.69 -12.75
CA PRO B 360 8.41 -24.27 -12.51
C PRO B 360 9.35 -23.57 -13.49
N GLN B 361 10.46 -24.22 -13.88
CA GLN B 361 11.41 -23.61 -14.81
C GLN B 361 10.80 -23.41 -16.20
N GLU B 362 10.14 -24.44 -16.69
CA GLU B 362 9.54 -24.39 -18.02
C GLU B 362 8.40 -23.38 -18.02
N GLU B 363 7.62 -23.39 -16.94
CA GLU B 363 6.49 -22.49 -16.78
C GLU B 363 6.92 -21.04 -16.89
N ALA B 364 8.03 -20.72 -16.24
CA ALA B 364 8.58 -19.38 -16.26
C ALA B 364 8.96 -18.98 -17.69
N ALA B 365 9.72 -19.82 -18.38
CA ALA B 365 10.14 -19.49 -19.74
C ALA B 365 8.97 -19.47 -20.73
N LEU B 366 8.08 -20.43 -20.60
CA LEU B 366 6.95 -20.54 -21.49
C LEU B 366 6.03 -19.31 -21.36
N SER B 367 5.83 -18.85 -20.13
CA SER B 367 4.95 -17.71 -19.91
C SER B 367 5.53 -16.45 -20.58
N VAL B 368 6.84 -16.29 -20.53
CA VAL B 368 7.49 -15.19 -21.22
C VAL B 368 7.33 -15.36 -22.73
N ALA B 369 7.54 -16.58 -23.22
CA ALA B 369 7.41 -16.85 -24.66
C ALA B 369 6.03 -16.53 -25.20
N ARG B 370 5.00 -16.82 -24.42
CA ARG B 370 3.62 -16.52 -24.82
C ARG B 370 3.39 -15.02 -24.93
N ALA B 371 3.84 -14.27 -23.92
CA ALA B 371 3.71 -12.81 -23.94
C ALA B 371 4.49 -12.20 -25.11
N GLN B 372 5.69 -12.71 -25.35
CA GLN B 372 6.49 -12.25 -26.48
C GLN B 372 5.80 -12.50 -27.83
N ARG B 373 5.18 -13.66 -27.98
CA ARG B 373 4.51 -13.95 -29.25
C ARG B 373 3.35 -12.99 -29.43
N MET B 374 2.62 -12.73 -28.35
CA MET B 374 1.52 -11.78 -28.44
C MET B 374 2.07 -10.42 -28.89
N ALA B 375 3.18 -10.00 -28.32
CA ALA B 375 3.82 -8.74 -28.70
C ALA B 375 4.16 -8.73 -30.20
N GLN B 376 4.66 -9.85 -30.71
CA GLN B 376 5.06 -9.91 -32.12
C GLN B 376 3.83 -9.83 -33.03
N GLU B 377 2.77 -10.54 -32.65
CA GLU B 377 1.54 -10.53 -33.44
C GLU B 377 0.88 -9.15 -33.47
N LEU B 378 0.91 -8.45 -32.34
CA LEU B 378 0.36 -7.10 -32.29
C LEU B 378 1.23 -6.14 -33.09
N SER B 379 2.54 -6.37 -33.05
CA SER B 379 3.48 -5.57 -33.83
C SER B 379 3.19 -5.78 -35.32
N ARG B 380 2.80 -7.01 -35.66
CA ARG B 380 2.44 -7.40 -37.02
C ARG B 380 1.26 -6.58 -37.52
N ARG B 381 0.43 -6.17 -36.57
CA ARG B 381 -0.82 -5.49 -36.87
C ARG B 381 -0.77 -4.01 -36.55
N GLY B 382 0.43 -3.43 -36.62
CA GLY B 382 0.58 -1.99 -36.58
C GLY B 382 0.72 -1.36 -35.21
N ILE B 383 1.05 -2.15 -34.20
CA ILE B 383 1.39 -1.61 -32.88
C ILE B 383 2.91 -1.65 -32.69
N GLU B 384 3.55 -0.47 -32.71
CA GLU B 384 5.01 -0.38 -32.58
C GLU B 384 5.55 -1.18 -31.40
N MET B 385 6.59 -1.97 -31.63
CA MET B 385 7.14 -2.81 -30.57
C MET B 385 7.70 -1.98 -29.42
N THR B 386 8.12 -0.75 -29.70
CA THR B 386 8.65 0.10 -28.65
C THR B 386 7.57 0.51 -27.65
N ARG B 387 6.31 0.28 -28.00
CA ARG B 387 5.18 0.58 -27.10
C ARG B 387 4.86 -0.58 -26.18
N ILE B 388 5.58 -1.69 -26.32
CA ILE B 388 5.22 -2.93 -25.64
C ILE B 388 6.29 -3.43 -24.70
N THR B 389 5.85 -3.78 -23.49
CA THR B 389 6.67 -4.39 -22.47
C THR B 389 6.08 -5.76 -22.25
N THR B 390 6.93 -6.77 -22.09
CA THR B 390 6.44 -8.13 -21.83
C THR B 390 6.98 -8.68 -20.52
N ALA B 391 6.25 -9.63 -19.98
CA ALA B 391 6.59 -10.26 -18.71
C ALA B 391 5.91 -11.60 -18.64
N GLY B 392 6.38 -12.48 -17.76
CA GLY B 392 5.77 -13.77 -17.55
C GLY B 392 5.78 -14.16 -16.08
N HIS B 393 4.72 -14.82 -15.65
CA HIS B 393 4.54 -15.19 -14.24
C HIS B 393 4.44 -16.69 -14.04
N GLY B 394 4.79 -17.47 -15.06
CA GLY B 394 4.62 -18.90 -14.98
C GLY B 394 3.21 -19.28 -14.54
N ALA B 395 3.12 -20.24 -13.62
CA ALA B 395 1.85 -20.67 -13.05
C ALA B 395 1.66 -20.11 -11.64
N THR B 396 2.34 -19.03 -11.31
CA THR B 396 2.34 -18.52 -9.95
C THR B 396 1.10 -17.69 -9.60
N LYS B 397 0.33 -17.29 -10.61
CA LYS B 397 -0.84 -16.45 -10.40
C LYS B 397 -2.09 -17.10 -10.98
N PRO B 398 -2.48 -18.25 -10.43
CA PRO B 398 -3.65 -18.94 -10.98
C PRO B 398 -4.96 -18.19 -10.69
N ILE B 399 -5.91 -18.25 -11.60
CA ILE B 399 -7.24 -17.68 -11.36
C ILE B 399 -8.30 -18.78 -11.36
N ALA B 400 -7.85 -20.02 -11.21
CA ALA B 400 -8.75 -21.17 -11.25
C ALA B 400 -8.04 -22.41 -10.77
N PRO B 401 -8.80 -23.42 -10.33
CA PRO B 401 -8.16 -24.67 -9.90
C PRO B 401 -7.54 -25.36 -11.10
N SER B 402 -6.58 -26.24 -10.88
CA SER B 402 -5.94 -26.95 -11.98
C SER B 402 -6.52 -28.35 -12.13
N ASP B 403 -7.82 -28.42 -12.38
CA ASP B 403 -8.52 -29.70 -12.55
C ASP B 403 -9.00 -29.90 -13.98
N THR B 404 -10.07 -29.20 -14.36
CA THR B 404 -10.68 -29.39 -15.67
C THR B 404 -9.90 -28.71 -16.78
N HIS B 405 -10.13 -29.15 -18.01
CA HIS B 405 -9.57 -28.50 -19.18
C HIS B 405 -9.99 -27.05 -19.23
N ALA B 406 -11.27 -26.81 -18.92
CA ALA B 406 -11.82 -25.46 -18.92
C ALA B 406 -11.04 -24.56 -17.97
N ASN B 407 -10.77 -25.04 -16.76
CA ASN B 407 -10.07 -24.25 -15.77
C ASN B 407 -8.60 -24.05 -16.11
N LYS B 408 -7.99 -25.03 -16.76
CA LYS B 408 -6.60 -24.88 -17.18
C LYS B 408 -6.47 -23.86 -18.32
N ALA B 409 -7.49 -23.80 -19.18
CA ALA B 409 -7.52 -22.83 -20.27
C ALA B 409 -7.60 -21.41 -19.73
N LYS B 410 -8.22 -21.25 -18.55
CA LYS B 410 -8.29 -19.96 -17.89
C LYS B 410 -6.95 -19.56 -17.31
N ASN B 411 -6.22 -20.52 -16.75
CA ASN B 411 -4.92 -20.23 -16.18
C ASN B 411 -3.92 -19.92 -17.28
N ARG B 412 -4.16 -20.50 -18.45
CA ARG B 412 -3.28 -20.36 -19.59
C ARG B 412 -3.69 -19.14 -20.42
N ARG B 413 -3.20 -17.96 -20.02
CA ARG B 413 -3.74 -16.70 -20.51
C ARG B 413 -2.66 -15.65 -20.69
N VAL B 414 -2.98 -14.63 -21.49
CA VAL B 414 -2.16 -13.45 -21.61
C VAL B 414 -3.02 -12.24 -21.22
N GLU B 415 -2.48 -11.40 -20.36
CA GLU B 415 -3.12 -10.17 -19.93
C GLU B 415 -2.41 -9.00 -20.57
N ILE B 416 -3.17 -8.12 -21.23
CA ILE B 416 -2.63 -6.91 -21.86
C ILE B 416 -3.16 -5.68 -21.15
N THR B 417 -2.29 -4.97 -20.44
CA THR B 417 -2.65 -3.73 -19.78
C THR B 417 -2.31 -2.54 -20.65
N ILE B 418 -3.30 -1.70 -20.87
CA ILE B 418 -3.14 -0.45 -21.63
C ILE B 418 -2.88 0.71 -20.66
N LEU B 419 -1.69 1.30 -20.77
CA LEU B 419 -1.24 2.36 -19.89
C LEU B 419 -1.00 3.69 -20.62
N ARG B 420 -1.04 4.81 -19.88
CA ARG B 420 -0.69 6.11 -20.47
C ARG B 420 0.80 6.14 -20.83
N ASP B 421 1.14 6.93 -21.84
CA ASP B 421 2.52 7.20 -22.29
C ASP B 421 3.07 6.04 -23.11
#